data_4CLC
#
_entry.id   4CLC
#
_cell.length_a   135.254
_cell.length_b   135.254
_cell.length_c   121.500
_cell.angle_alpha   90.00
_cell.angle_beta   90.00
_cell.angle_gamma   120.00
#
_symmetry.space_group_name_H-M   'P 31 2 1'
#
loop_
_entity.id
_entity.type
_entity.pdbx_description
1 polymer 'UPF0303 PROTEIN YBR137W'
2 polymer 'UPF0303 PROTEIN YBR137W'
3 polymer 'UPF0303 PROTEIN YBR137W'
4 polymer 'UPF0303 PROTEIN YBR137W'
5 polymer 'UPF0303 PROTEIN YBR137W'
6 water water
#
loop_
_entity_poly.entity_id
_entity_poly.type
_entity_poly.pdbx_seq_one_letter_code
_entity_poly.pdbx_strand_id
1 'polypeptide(L)'
;MVVLDKKLLERLTSRKVPLEELEDMEKRCFLSTFTYQDAFDLGTYIRNAVKENFPEKPVAIDISLPNGHCLFRTVTYGGS
ALDNDFWIQRKKKTALRFGHSSFYMGCKKGDKTPEEKFFVDSKEYAFHGGAVLIQSERSDYPYACLTISGLKQEEDHLMA
LSSLIAFANESLEEDLNLD
;
A
2 'polypeptide(L)'
;MVVLDKKLLERLTSRKVPLEELEDMEKKCFLSTFTYQDAFDLGTYIKNAVKENFPDKPVAIDISLPNGHCLFRTVTYGGS
ALDNDFWIQRKKKTALRFGHSSFYMGCKKGDKTPEEKFFVDSKEYAFHGGAVLIQSERSTYPYACLTISGLKQEEDHLMA
VSSLIAFANESLEEDLNLD
;
B
3 'polypeptide(L)'
;MVVLDKKLLERLTSRKVPLEELEDMEKRCFLSTFTYQDAFDLGTYIRNAVKENFPEKPVAIDISLPNGHCLFRTVTYGGS
ALDNDFWIQRKKKTALRFGHSSFYMGCKKGDKTPEEKFFVDSKEYAFHGGAVLIQSERSDYPYACLTISGLKQEEDHLMA
VSSLIAFANESLEEDLNLD
;
C
4 'polypeptide(L)'
;MVVLDKKLLERLTSRKVPLEQLEDMEKRCFLSTFTYQDAFDLGTYIRNAVKENFPEKPVAIDISLPNGHCLFRTVTYGGS
ALDNDFWIQRKKKTALRFGHSSFYMGCKKGDKTPEEKFFVDSKEYAFHGGAVLIQSERSDYPYACLTISGLKQEEDHLMA
VSSLIAFANESLEEDLNLD
;
D
5 'polypeptide(L)'
;MVVLDKKLLERLTSRKTPLEELEDMEKRCFLSTFTYQDAFDLGTYIRNAVKENFPEKPVAIDISLPNGHCLFRTVTYGGS
ALDNDFWIQRKKKTALRFGHSSFYMGCKKGDKTPEEKFFVDSKEYAFHGGAVLIQSERSDYPYACLTISGLKQEEDHLMA
VSSLIAFANESLEEDLNLD
;
E
#
# COMPACT_ATOMS: atom_id res chain seq x y z
N VAL A 2 -0.45 -25.31 -33.69
CA VAL A 2 0.04 -23.94 -33.79
C VAL A 2 1.55 -23.81 -33.48
N VAL A 3 2.35 -23.42 -34.47
CA VAL A 3 3.77 -23.15 -34.26
C VAL A 3 4.26 -21.95 -35.10
N LEU A 4 5.06 -21.09 -34.46
CA LEU A 4 5.44 -19.79 -35.01
C LEU A 4 6.54 -19.85 -36.05
N ASP A 5 6.34 -19.21 -37.20
CA ASP A 5 7.35 -19.27 -38.25
C ASP A 5 8.54 -18.43 -37.82
N LYS A 6 9.68 -19.08 -37.60
CA LYS A 6 10.81 -18.41 -36.98
C LYS A 6 11.37 -17.35 -37.91
N LYS A 7 11.09 -17.48 -39.20
CA LYS A 7 11.53 -16.49 -40.18
C LYS A 7 10.69 -15.22 -40.04
N LEU A 8 9.38 -15.43 -40.02
CA LEU A 8 8.44 -14.33 -39.84
C LEU A 8 8.75 -13.60 -38.55
N LEU A 9 8.75 -14.36 -37.46
CA LEU A 9 9.05 -13.87 -36.13
C LEU A 9 10.33 -13.02 -36.07
N GLU A 10 11.35 -13.41 -36.83
CA GLU A 10 12.58 -12.62 -36.89
C GLU A 10 12.36 -11.38 -37.74
N ARG A 11 11.52 -11.51 -38.77
CA ARG A 11 11.18 -10.37 -39.62
C ARG A 11 10.45 -9.30 -38.81
N LEU A 12 9.50 -9.75 -37.98
CA LEU A 12 8.84 -8.89 -36.99
C LEU A 12 9.87 -8.26 -36.08
N THR A 13 10.74 -9.10 -35.52
CA THR A 13 11.75 -8.62 -34.59
C THR A 13 12.67 -7.58 -35.23
N SER A 14 13.06 -7.85 -36.48
CA SER A 14 13.94 -6.96 -37.22
C SER A 14 13.20 -5.75 -37.81
N ARG A 15 11.88 -5.77 -37.72
CA ARG A 15 11.01 -4.65 -38.14
C ARG A 15 11.16 -4.34 -39.64
N LYS A 16 11.26 -5.41 -40.41
CA LYS A 16 11.28 -5.34 -41.87
C LYS A 16 9.92 -5.69 -42.49
N VAL A 17 8.92 -6.00 -41.65
CA VAL A 17 7.56 -6.27 -42.15
C VAL A 17 6.79 -4.97 -42.27
N PRO A 18 6.51 -4.50 -43.50
CA PRO A 18 5.90 -3.16 -43.58
C PRO A 18 4.41 -3.16 -43.22
N LEU A 19 3.89 -1.97 -42.93
CA LEU A 19 2.56 -1.79 -42.35
C LEU A 19 1.44 -2.47 -43.15
N GLU A 20 1.54 -2.42 -44.47
CA GLU A 20 0.47 -2.96 -45.32
C GLU A 20 0.39 -4.47 -45.16
N GLU A 21 1.55 -5.09 -44.96
CA GLU A 21 1.63 -6.52 -44.71
C GLU A 21 0.99 -6.82 -43.37
N LEU A 22 1.44 -6.09 -42.34
CA LEU A 22 0.89 -6.22 -41.00
C LEU A 22 -0.63 -6.13 -41.06
N GLU A 23 -1.10 -5.05 -41.69
CA GLU A 23 -2.52 -4.86 -41.90
C GLU A 23 -3.15 -6.12 -42.48
N ASP A 24 -2.48 -6.70 -43.47
CA ASP A 24 -3.00 -7.86 -44.21
C ASP A 24 -3.15 -9.06 -43.29
N MET A 25 -2.09 -9.40 -42.57
CA MET A 25 -2.16 -10.47 -41.60
C MET A 25 -3.29 -10.15 -40.65
N GLU A 26 -3.32 -8.91 -40.18
CA GLU A 26 -4.28 -8.50 -39.17
C GLU A 26 -5.70 -8.57 -39.72
N LYS A 27 -5.92 -7.97 -40.89
CA LYS A 27 -7.24 -7.97 -41.53
C LYS A 27 -7.73 -9.40 -41.77
N ARG A 28 -6.80 -10.33 -41.83
CA ARG A 28 -7.12 -11.73 -42.08
C ARG A 28 -7.74 -12.43 -40.87
N CYS A 29 -7.59 -11.85 -39.67
CA CYS A 29 -8.12 -12.51 -38.48
C CYS A 29 -9.54 -12.07 -38.25
N PHE A 30 -10.50 -12.96 -38.51
CA PHE A 30 -11.92 -12.64 -38.30
C PHE A 30 -12.76 -13.88 -38.06
N LEU A 31 -14.04 -13.68 -37.76
CA LEU A 31 -14.92 -14.78 -37.45
C LEU A 31 -16.31 -14.57 -38.01
N SER A 32 -17.04 -15.66 -38.17
CA SER A 32 -18.42 -15.64 -38.60
C SER A 32 -19.30 -15.54 -37.36
N THR A 33 -19.19 -16.53 -36.49
CA THR A 33 -19.80 -16.46 -35.17
C THR A 33 -18.82 -15.87 -34.17
N PHE A 34 -19.32 -15.01 -33.29
CA PHE A 34 -18.64 -14.68 -32.05
C PHE A 34 -19.67 -14.70 -30.93
N THR A 35 -19.56 -15.68 -30.04
CA THR A 35 -20.53 -15.84 -28.95
C THR A 35 -19.79 -16.05 -27.64
N TYR A 36 -20.55 -16.14 -26.55
CA TYR A 36 -19.97 -16.39 -25.25
C TYR A 36 -19.12 -17.66 -25.30
N GLN A 37 -19.61 -18.67 -26.02
CA GLN A 37 -18.88 -19.93 -26.07
C GLN A 37 -17.70 -19.87 -27.04
N ASP A 38 -17.89 -19.16 -28.16
CA ASP A 38 -16.79 -18.93 -29.10
C ASP A 38 -15.61 -18.40 -28.33
N ALA A 39 -15.89 -17.43 -27.46
CA ALA A 39 -14.85 -16.73 -26.72
C ALA A 39 -14.09 -17.70 -25.83
N PHE A 40 -14.83 -18.55 -25.14
CA PHE A 40 -14.20 -19.57 -24.32
C PHE A 40 -13.35 -20.47 -25.21
N ASP A 41 -13.97 -20.99 -26.27
CA ASP A 41 -13.27 -21.87 -27.20
C ASP A 41 -11.98 -21.21 -27.67
N LEU A 42 -12.07 -19.96 -28.08
CA LEU A 42 -10.90 -19.24 -28.54
C LEU A 42 -9.84 -19.14 -27.45
N GLY A 43 -10.28 -18.74 -26.25
CA GLY A 43 -9.38 -18.45 -25.14
C GLY A 43 -8.57 -19.64 -24.64
N THR A 44 -9.28 -20.69 -24.25
CA THR A 44 -8.65 -21.95 -23.87
C THR A 44 -7.67 -22.42 -24.93
N TYR A 45 -8.17 -22.53 -26.16
CA TYR A 45 -7.36 -22.98 -27.29
C TYR A 45 -6.02 -22.25 -27.39
N ILE A 46 -6.04 -20.94 -27.17
CA ILE A 46 -4.80 -20.19 -27.16
C ILE A 46 -3.95 -20.56 -25.94
N ARG A 47 -4.61 -20.96 -24.84
CA ARG A 47 -3.88 -21.20 -23.58
C ARG A 47 -2.92 -22.39 -23.67
N ASN A 48 -3.42 -23.57 -24.04
CA ASN A 48 -2.54 -24.75 -24.18
C ASN A 48 -1.52 -24.56 -25.29
N ALA A 49 -1.92 -23.82 -26.32
CA ALA A 49 -1.02 -23.42 -27.38
C ALA A 49 0.21 -22.75 -26.78
N VAL A 50 -0.03 -21.74 -25.94
CA VAL A 50 1.07 -21.00 -25.34
C VAL A 50 1.80 -21.92 -24.37
N LYS A 51 1.06 -22.82 -23.74
CA LYS A 51 1.68 -23.80 -22.84
C LYS A 51 2.61 -24.67 -23.67
N GLU A 52 2.10 -25.14 -24.81
CA GLU A 52 2.90 -25.94 -25.74
C GLU A 52 4.17 -25.19 -26.18
N ASN A 53 4.00 -24.10 -26.91
CA ASN A 53 5.16 -23.44 -27.49
C ASN A 53 6.09 -22.77 -26.48
N PHE A 54 5.61 -22.58 -25.25
CA PHE A 54 6.36 -21.83 -24.24
C PHE A 54 6.21 -22.39 -22.82
N PRO A 55 6.72 -23.61 -22.59
CA PRO A 55 6.38 -24.40 -21.40
C PRO A 55 6.74 -23.75 -20.06
N GLU A 56 7.77 -22.92 -20.06
CA GLU A 56 8.26 -22.33 -18.81
C GLU A 56 7.65 -20.97 -18.46
N LYS A 57 6.95 -20.39 -19.43
CA LYS A 57 6.66 -18.96 -19.44
C LYS A 57 5.25 -18.60 -18.97
N PRO A 58 5.17 -17.80 -17.88
CA PRO A 58 3.88 -17.28 -17.43
C PRO A 58 3.34 -16.24 -18.42
N VAL A 59 2.10 -16.44 -18.86
CA VAL A 59 1.50 -15.61 -19.88
C VAL A 59 0.03 -15.42 -19.57
N ALA A 60 -0.43 -14.18 -19.62
CA ALA A 60 -1.85 -13.87 -19.41
C ALA A 60 -2.53 -13.59 -20.75
N ILE A 61 -3.70 -14.19 -20.90
CA ILE A 61 -4.46 -14.13 -22.13
C ILE A 61 -5.83 -13.54 -21.83
N ASP A 62 -6.26 -12.59 -22.66
CA ASP A 62 -7.52 -11.90 -22.43
C ASP A 62 -8.35 -11.68 -23.67
N ILE A 63 -9.64 -12.00 -23.58
CA ILE A 63 -10.57 -11.58 -24.61
C ILE A 63 -11.60 -10.64 -24.01
N SER A 64 -11.65 -9.41 -24.53
CA SER A 64 -12.54 -8.37 -24.04
C SER A 64 -13.31 -7.74 -25.19
N LEU A 65 -14.51 -7.23 -24.91
CA LEU A 65 -15.29 -6.45 -25.88
C LEU A 65 -14.77 -5.02 -25.91
N PRO A 66 -15.06 -4.27 -27.01
CA PRO A 66 -14.58 -2.89 -27.10
C PRO A 66 -15.07 -1.94 -25.99
N ASN A 67 -16.12 -2.32 -25.25
CA ASN A 67 -16.57 -1.50 -24.13
C ASN A 67 -15.88 -1.90 -22.82
N GLY A 68 -14.94 -2.83 -22.90
CA GLY A 68 -14.21 -3.26 -21.73
C GLY A 68 -14.70 -4.53 -21.05
N HIS A 69 -15.94 -4.93 -21.33
CA HIS A 69 -16.49 -6.14 -20.74
C HIS A 69 -15.63 -7.38 -21.06
N CYS A 70 -15.17 -8.03 -20.01
CA CYS A 70 -14.19 -9.10 -20.14
C CYS A 70 -14.84 -10.49 -20.21
N LEU A 71 -14.74 -11.13 -21.38
CA LEU A 71 -15.24 -12.48 -21.62
C LEU A 71 -14.31 -13.62 -21.15
N PHE A 72 -13.02 -13.48 -21.42
CA PHE A 72 -12.06 -14.51 -21.05
C PHE A 72 -10.78 -13.95 -20.46
N ARG A 73 -10.35 -14.55 -19.36
CA ARG A 73 -9.02 -14.29 -18.79
C ARG A 73 -8.40 -15.53 -18.17
N THR A 74 -7.14 -15.79 -18.47
CA THR A 74 -6.41 -16.86 -17.80
C THR A 74 -4.91 -16.62 -17.82
N VAL A 75 -4.19 -17.35 -16.98
CA VAL A 75 -2.74 -17.34 -16.98
C VAL A 75 -2.22 -18.76 -17.25
N THR A 76 -1.13 -18.87 -18.00
CA THR A 76 -0.65 -20.17 -18.45
C THR A 76 0.32 -20.87 -17.51
N TYR A 77 0.85 -20.15 -16.52
CA TYR A 77 1.86 -20.75 -15.65
C TYR A 77 2.11 -19.88 -14.43
N GLY A 78 2.89 -20.42 -13.49
CA GLY A 78 3.29 -19.66 -12.32
C GLY A 78 4.26 -18.58 -12.75
N GLY A 79 4.34 -17.51 -11.98
CA GLY A 79 5.24 -16.40 -12.29
C GLY A 79 4.51 -15.22 -12.90
N SER A 80 3.18 -15.30 -12.95
CA SER A 80 2.34 -14.18 -13.39
C SER A 80 2.25 -13.16 -12.28
N ALA A 81 1.98 -11.91 -12.65
CA ALA A 81 1.90 -10.86 -11.66
C ALA A 81 0.89 -9.82 -12.12
N LEU A 82 0.59 -8.86 -11.25
CA LEU A 82 -0.37 -7.82 -11.58
C LEU A 82 0.06 -6.97 -12.78
N ASP A 83 1.37 -6.94 -13.05
CA ASP A 83 1.89 -6.13 -14.14
C ASP A 83 1.43 -6.70 -15.47
N ASN A 84 1.14 -7.99 -15.50
CA ASN A 84 0.51 -8.59 -16.67
C ASN A 84 -0.81 -7.94 -16.96
N ASP A 85 -1.60 -7.71 -15.90
CA ASP A 85 -2.91 -7.07 -16.02
C ASP A 85 -2.76 -5.65 -16.55
N PHE A 86 -1.78 -4.94 -16.03
CA PHE A 86 -1.53 -3.61 -16.57
C PHE A 86 -1.17 -3.64 -18.06
N TRP A 87 -0.43 -4.65 -18.49
CA TRP A 87 -0.06 -4.74 -19.89
C TRP A 87 -1.28 -5.07 -20.73
N ILE A 88 -2.08 -6.03 -20.27
CA ILE A 88 -3.32 -6.34 -20.96
C ILE A 88 -4.19 -5.08 -21.16
N GLN A 89 -4.22 -4.20 -20.16
CA GLN A 89 -5.04 -2.99 -20.23
C GLN A 89 -4.46 -2.02 -21.23
N ARG A 90 -3.16 -1.79 -21.08
CA ARG A 90 -2.45 -0.78 -21.83
C ARG A 90 -2.27 -1.13 -23.30
N LYS A 91 -2.11 -2.42 -23.59
CA LYS A 91 -1.99 -2.88 -24.98
C LYS A 91 -3.38 -2.87 -25.67
N LYS A 92 -4.35 -3.48 -24.99
CA LYS A 92 -5.72 -3.52 -25.48
C LYS A 92 -6.30 -2.13 -25.72
N LYS A 93 -5.94 -1.18 -24.88
CA LYS A 93 -6.46 0.18 -25.01
C LYS A 93 -5.98 0.81 -26.30
N THR A 94 -4.75 0.47 -26.69
CA THR A 94 -4.15 0.96 -27.93
C THR A 94 -4.91 0.44 -29.13
N ALA A 95 -5.19 -0.85 -29.12
CA ALA A 95 -5.80 -1.52 -30.26
C ALA A 95 -7.21 -1.03 -30.52
N LEU A 96 -7.99 -0.95 -29.44
CA LEU A 96 -9.37 -0.52 -29.53
C LEU A 96 -9.47 0.97 -29.94
N ARG A 97 -8.52 1.77 -29.50
CA ARG A 97 -8.57 3.19 -29.83
C ARG A 97 -8.15 3.44 -31.27
N PHE A 98 -7.04 2.80 -31.67
CA PHE A 98 -6.37 3.12 -32.92
C PHE A 98 -6.75 2.29 -34.17
N GLY A 99 -7.50 1.22 -33.99
CA GLY A 99 -7.91 0.42 -35.15
C GLY A 99 -6.90 -0.58 -35.71
N HIS A 100 -5.74 -0.74 -35.05
CA HIS A 100 -4.76 -1.75 -35.43
C HIS A 100 -4.16 -2.43 -34.20
N SER A 101 -3.26 -3.37 -34.42
CA SER A 101 -2.66 -4.12 -33.31
C SER A 101 -1.67 -3.24 -32.56
N SER A 102 -1.36 -3.63 -31.33
CA SER A 102 -0.40 -2.90 -30.51
C SER A 102 0.93 -2.90 -31.23
N PHE A 103 1.20 -4.04 -31.84
CA PHE A 103 2.48 -4.24 -32.49
C PHE A 103 2.60 -3.28 -33.65
N TYR A 104 1.53 -3.25 -34.46
CA TYR A 104 1.39 -2.35 -35.59
C TYR A 104 1.70 -0.93 -35.19
N MET A 105 1.10 -0.50 -34.10
CA MET A 105 1.17 0.90 -33.75
C MET A 105 2.57 1.16 -33.23
N GLY A 106 3.17 0.14 -32.62
CA GLY A 106 4.56 0.24 -32.20
C GLY A 106 5.49 0.47 -33.39
N CYS A 107 5.24 -0.27 -34.47
CA CYS A 107 6.00 -0.08 -35.71
C CYS A 107 5.76 1.35 -36.21
N LYS A 108 4.49 1.67 -36.44
CA LYS A 108 4.12 3.02 -36.85
C LYS A 108 4.69 4.09 -35.90
N LYS A 109 4.85 3.76 -34.62
CA LYS A 109 5.50 4.67 -33.69
C LYS A 109 6.97 4.90 -34.04
N GLY A 110 7.67 3.81 -34.37
CA GLY A 110 9.10 3.91 -34.58
C GLY A 110 9.78 4.37 -33.31
N ASP A 111 10.79 5.21 -33.45
CA ASP A 111 11.65 5.54 -32.32
C ASP A 111 11.04 6.59 -31.40
N LYS A 112 9.95 7.22 -31.86
CA LYS A 112 9.37 8.35 -31.13
C LYS A 112 8.55 7.93 -29.90
N THR A 113 8.40 8.86 -28.95
CA THR A 113 7.63 8.59 -27.76
C THR A 113 6.14 8.68 -28.06
N PRO A 114 5.36 7.76 -27.49
CA PRO A 114 3.89 7.77 -27.57
C PRO A 114 3.28 9.12 -27.20
N GLU A 115 3.95 9.89 -26.36
CA GLU A 115 3.52 11.25 -26.13
C GLU A 115 3.75 12.11 -27.36
N GLU A 116 4.95 12.06 -27.96
CA GLU A 116 5.26 12.97 -29.08
C GLU A 116 4.60 12.58 -30.42
N LYS A 117 4.53 11.29 -30.70
CA LYS A 117 3.74 10.79 -31.84
C LYS A 117 2.47 10.35 -31.19
N PHE A 118 1.32 10.42 -31.85
CA PHE A 118 0.05 9.92 -31.25
C PHE A 118 -0.49 10.66 -30.01
N PHE A 119 0.32 11.49 -29.36
CA PHE A 119 -0.16 12.37 -28.29
C PHE A 119 -1.02 11.69 -27.24
N VAL A 120 -0.44 10.74 -26.54
CA VAL A 120 -1.15 9.98 -25.52
C VAL A 120 -0.21 9.68 -24.36
N ASP A 121 -0.77 9.20 -23.25
CA ASP A 121 0.02 8.79 -22.08
C ASP A 121 0.59 7.39 -22.26
N SER A 122 1.91 7.27 -22.13
CA SER A 122 2.59 5.97 -22.18
C SER A 122 2.06 5.05 -21.09
N LYS A 123 1.83 5.63 -19.92
CA LYS A 123 1.32 4.85 -18.79
C LYS A 123 -0.03 4.18 -19.10
N GLU A 124 -0.82 4.82 -19.96
CA GLU A 124 -2.14 4.34 -20.34
C GLU A 124 -2.25 3.54 -21.65
N TYR A 125 -1.24 3.67 -22.50
CA TYR A 125 -1.28 3.08 -23.85
C TYR A 125 0.03 2.40 -24.14
N ALA A 126 0.00 1.10 -24.40
CA ALA A 126 1.22 0.38 -24.72
C ALA A 126 1.34 0.22 -26.22
N PHE A 127 2.55 0.33 -26.77
CA PHE A 127 2.74 -0.22 -28.09
C PHE A 127 3.80 -1.34 -28.06
N HIS A 128 3.40 -2.55 -27.67
CA HIS A 128 4.26 -3.75 -27.78
C HIS A 128 3.70 -4.94 -28.56
N GLY A 129 2.47 -4.89 -28.99
CA GLY A 129 1.90 -6.06 -29.63
C GLY A 129 1.57 -7.14 -28.65
N GLY A 130 0.69 -8.03 -29.08
CA GLY A 130 0.03 -9.01 -28.22
C GLY A 130 -1.43 -8.68 -28.13
N ALA A 131 -1.79 -7.44 -28.40
CA ALA A 131 -3.21 -7.15 -28.55
C ALA A 131 -3.50 -7.11 -30.05
N VAL A 132 -4.48 -7.90 -30.45
CA VAL A 132 -4.86 -8.03 -31.84
C VAL A 132 -6.38 -8.06 -31.94
N LEU A 133 -6.94 -7.14 -32.73
CA LEU A 133 -8.39 -7.03 -32.82
C LEU A 133 -8.99 -8.26 -33.48
N ILE A 134 -9.95 -8.87 -32.82
CA ILE A 134 -10.76 -9.91 -33.44
C ILE A 134 -11.75 -9.21 -34.35
N GLN A 135 -11.89 -9.68 -35.58
CA GLN A 135 -12.66 -8.94 -36.55
C GLN A 135 -13.92 -9.66 -36.96
N SER A 136 -14.86 -8.89 -37.51
CA SER A 136 -16.08 -9.49 -38.01
C SER A 136 -16.07 -9.41 -39.54
N GLU A 137 -16.49 -10.51 -40.17
CA GLU A 137 -16.99 -10.44 -41.53
C GLU A 137 -18.33 -9.73 -41.42
N ARG A 138 -18.82 -9.15 -42.51
CA ARG A 138 -20.14 -8.50 -42.49
C ARG A 138 -20.14 -7.19 -41.68
N SER A 139 -19.00 -6.81 -41.15
CA SER A 139 -18.92 -5.54 -40.44
C SER A 139 -17.58 -4.83 -40.60
N ASP A 140 -17.61 -3.50 -40.57
CA ASP A 140 -16.40 -2.69 -40.69
C ASP A 140 -15.64 -2.55 -39.37
N TYR A 141 -16.27 -2.96 -38.27
CA TYR A 141 -15.73 -2.69 -36.95
C TYR A 141 -15.61 -3.96 -36.10
N PRO A 142 -14.52 -4.06 -35.32
CA PRO A 142 -14.13 -5.25 -34.55
C PRO A 142 -15.19 -5.78 -33.60
N TYR A 143 -15.27 -7.10 -33.54
CA TYR A 143 -16.02 -7.84 -32.54
C TYR A 143 -15.57 -7.52 -31.12
N ALA A 144 -14.27 -7.68 -30.91
CA ALA A 144 -13.66 -7.66 -29.60
C ALA A 144 -12.15 -7.60 -29.75
N CYS A 145 -11.45 -7.52 -28.64
CA CYS A 145 -9.99 -7.50 -28.69
C CYS A 145 -9.43 -8.74 -28.02
N LEU A 146 -8.33 -9.24 -28.56
CA LEU A 146 -7.57 -10.34 -27.97
C LEU A 146 -6.20 -9.86 -27.52
N THR A 147 -5.81 -10.21 -26.30
CA THR A 147 -4.53 -9.71 -25.80
C THR A 147 -3.71 -10.78 -25.07
N ILE A 148 -2.42 -10.77 -25.38
CA ILE A 148 -1.49 -11.76 -24.87
C ILE A 148 -0.33 -10.98 -24.30
N SER A 149 0.19 -11.41 -23.15
CA SER A 149 1.31 -10.73 -22.51
C SER A 149 2.18 -11.70 -21.72
N GLY A 150 3.49 -11.42 -21.71
CA GLY A 150 4.49 -12.23 -21.02
C GLY A 150 5.50 -12.95 -21.89
N LEU A 151 5.27 -12.92 -23.21
CA LEU A 151 6.10 -13.55 -24.23
C LEU A 151 7.12 -12.62 -24.88
N LYS A 152 7.49 -11.54 -24.20
CA LYS A 152 8.24 -10.43 -24.82
C LYS A 152 7.34 -9.74 -25.83
N GLN A 153 7.78 -9.49 -27.06
CA GLN A 153 6.99 -8.57 -27.87
C GLN A 153 6.39 -9.18 -29.12
N GLU A 154 7.27 -9.68 -30.00
CA GLU A 154 6.84 -10.16 -31.31
C GLU A 154 6.11 -11.51 -31.26
N GLU A 155 6.49 -12.38 -30.32
CA GLU A 155 5.82 -13.66 -30.17
C GLU A 155 4.47 -13.50 -29.42
N ASP A 156 4.37 -12.49 -28.54
CA ASP A 156 3.05 -12.05 -28.01
C ASP A 156 2.10 -11.77 -29.16
N HIS A 157 2.54 -10.93 -30.08
CA HIS A 157 1.77 -10.59 -31.26
C HIS A 157 1.49 -11.77 -32.22
N LEU A 158 2.53 -12.56 -32.53
CA LEU A 158 2.38 -13.58 -33.57
C LEU A 158 1.59 -14.78 -33.07
N MET A 159 1.73 -15.09 -31.79
CA MET A 159 0.96 -16.16 -31.21
C MET A 159 -0.51 -15.79 -31.29
N ALA A 160 -0.78 -14.51 -31.08
CA ALA A 160 -2.15 -14.00 -31.12
C ALA A 160 -2.74 -14.11 -32.53
N LEU A 161 -2.00 -13.56 -33.49
CA LEU A 161 -2.45 -13.52 -34.87
C LEU A 161 -2.67 -14.91 -35.45
N SER A 162 -1.71 -15.81 -35.24
CA SER A 162 -1.76 -17.18 -35.75
C SER A 162 -3.00 -17.90 -35.23
N SER A 163 -3.03 -18.06 -33.92
CA SER A 163 -4.10 -18.80 -33.25
C SER A 163 -5.48 -18.20 -33.51
N LEU A 164 -5.51 -16.98 -34.04
CA LEU A 164 -6.76 -16.41 -34.50
C LEU A 164 -7.12 -16.98 -35.87
N ILE A 165 -6.13 -16.96 -36.76
CA ILE A 165 -6.27 -17.52 -38.10
C ILE A 165 -6.52 -19.02 -38.00
N ALA A 166 -5.68 -19.67 -37.18
CA ALA A 166 -5.72 -21.11 -36.98
C ALA A 166 -7.03 -21.55 -36.32
N PHE A 167 -7.66 -20.65 -35.58
CA PHE A 167 -8.98 -20.90 -35.00
C PHE A 167 -10.05 -20.63 -36.05
N ALA A 168 -9.79 -19.62 -36.87
CA ALA A 168 -10.74 -19.19 -37.89
C ALA A 168 -10.96 -20.25 -38.97
N ASN A 169 -9.99 -21.15 -39.13
CA ASN A 169 -10.20 -22.37 -39.92
C ASN A 169 -10.62 -23.46 -38.95
N GLU A 170 -11.90 -23.82 -38.97
CA GLU A 170 -12.54 -24.53 -37.86
C GLU A 170 -12.85 -25.99 -38.16
N MET B 1 -21.89 -33.47 -9.91
CA MET B 1 -20.62 -33.30 -9.18
C MET B 1 -20.80 -32.34 -7.97
N VAL B 2 -21.47 -31.20 -8.18
CA VAL B 2 -21.82 -30.26 -7.09
C VAL B 2 -23.31 -29.93 -7.22
N VAL B 3 -24.02 -30.01 -6.09
CA VAL B 3 -25.47 -29.84 -6.11
C VAL B 3 -25.88 -28.94 -4.92
N LEU B 4 -26.93 -28.14 -5.14
CA LEU B 4 -27.07 -26.86 -4.43
C LEU B 4 -27.57 -26.90 -2.98
N ASP B 5 -28.38 -27.89 -2.61
CA ASP B 5 -29.16 -27.86 -1.37
C ASP B 5 -30.20 -26.73 -1.39
N LYS B 6 -31.27 -26.93 -2.16
CA LYS B 6 -32.39 -25.99 -2.23
C LYS B 6 -33.00 -25.62 -0.87
N LYS B 7 -32.81 -26.47 0.15
CA LYS B 7 -33.31 -26.17 1.50
C LYS B 7 -32.50 -25.08 2.19
N LEU B 8 -31.19 -25.16 2.03
CA LEU B 8 -30.30 -24.16 2.62
C LEU B 8 -30.45 -22.86 1.83
N LEU B 9 -30.63 -23.01 0.52
CA LEU B 9 -30.91 -21.86 -0.32
C LEU B 9 -32.14 -21.14 0.21
N GLU B 10 -33.13 -21.90 0.66
CA GLU B 10 -34.31 -21.31 1.29
C GLU B 10 -33.93 -20.51 2.53
N ARG B 11 -33.16 -21.13 3.41
CA ARG B 11 -32.78 -20.49 4.66
C ARG B 11 -32.00 -19.21 4.39
N LEU B 12 -31.05 -19.29 3.44
CA LEU B 12 -30.32 -18.12 2.99
C LEU B 12 -31.28 -17.05 2.49
N THR B 13 -32.12 -17.42 1.52
CA THR B 13 -32.93 -16.48 0.76
C THR B 13 -33.87 -15.66 1.63
N SER B 14 -34.07 -16.07 2.88
CA SER B 14 -34.73 -15.12 3.75
C SER B 14 -33.97 -14.76 5.00
N ARG B 15 -34.20 -15.55 6.03
CA ARG B 15 -33.79 -15.11 7.34
C ARG B 15 -32.60 -15.79 7.95
N LYS B 16 -32.10 -16.91 7.44
CA LYS B 16 -31.22 -17.61 8.35
C LYS B 16 -29.77 -17.27 8.01
N VAL B 17 -29.39 -16.19 8.65
CA VAL B 17 -28.14 -15.49 8.47
C VAL B 17 -27.27 -15.52 9.71
N PRO B 18 -27.37 -16.58 10.55
CA PRO B 18 -26.94 -16.39 11.94
C PRO B 18 -25.46 -15.92 12.08
N LEU B 19 -24.70 -16.02 10.98
CA LEU B 19 -23.33 -15.53 10.81
C LEU B 19 -22.31 -16.43 11.48
N GLU B 20 -22.72 -17.20 12.47
CA GLU B 20 -21.84 -18.20 13.01
C GLU B 20 -21.87 -19.29 11.99
N GLU B 21 -23.05 -19.52 11.46
CA GLU B 21 -23.24 -20.56 10.47
C GLU B 21 -22.58 -20.14 9.16
N LEU B 22 -22.72 -18.86 8.79
CA LEU B 22 -22.16 -18.36 7.53
C LEU B 22 -20.66 -18.41 7.63
N GLU B 23 -20.14 -18.06 8.79
CA GLU B 23 -18.70 -18.16 9.00
C GLU B 23 -18.26 -19.63 8.95
N ASP B 24 -18.96 -20.48 9.70
CA ASP B 24 -18.64 -21.90 9.72
C ASP B 24 -18.68 -22.50 8.31
N MET B 25 -19.63 -22.05 7.49
CA MET B 25 -19.64 -22.47 6.10
C MET B 25 -18.40 -21.98 5.36
N GLU B 26 -17.96 -20.78 5.68
CA GLU B 26 -16.85 -20.17 4.93
C GLU B 26 -15.48 -20.73 5.33
N LYS B 27 -15.22 -20.85 6.63
CA LYS B 27 -13.98 -21.43 7.15
C LYS B 27 -13.74 -22.81 6.51
N LYS B 28 -14.84 -23.44 6.15
CA LYS B 28 -14.90 -24.74 5.49
C LYS B 28 -14.38 -24.72 4.05
N CYS B 29 -14.24 -23.53 3.45
CA CYS B 29 -13.81 -23.47 2.06
C CYS B 29 -12.34 -23.18 1.96
N PHE B 30 -11.54 -24.20 1.67
CA PHE B 30 -10.12 -24.00 1.53
C PHE B 30 -9.47 -25.07 0.71
N LEU B 31 -8.26 -24.77 0.27
CA LEU B 31 -7.47 -25.70 -0.51
C LEU B 31 -6.14 -25.89 0.21
N SER B 32 -5.55 -27.08 0.05
CA SER B 32 -4.24 -27.38 0.62
C SER B 32 -3.11 -26.84 -0.25
N THR B 33 -3.38 -26.76 -1.55
CA THR B 33 -2.44 -26.14 -2.48
C THR B 33 -3.17 -25.12 -3.35
N PHE B 34 -2.46 -24.09 -3.79
CA PHE B 34 -3.02 -23.14 -4.74
C PHE B 34 -2.04 -22.83 -5.86
N THR B 35 -2.36 -23.21 -7.09
CA THR B 35 -1.46 -22.97 -8.21
C THR B 35 -2.15 -22.23 -9.35
N TYR B 36 -1.38 -21.89 -10.38
CA TYR B 36 -1.95 -21.38 -11.61
C TYR B 36 -2.89 -22.41 -12.21
N GLN B 37 -2.53 -23.69 -12.07
CA GLN B 37 -3.34 -24.75 -12.63
C GLN B 37 -4.58 -24.95 -11.79
N ASP B 38 -4.40 -24.82 -10.48
CA ASP B 38 -5.52 -24.93 -9.55
C ASP B 38 -6.60 -23.91 -9.90
N ALA B 39 -6.16 -22.68 -10.18
CA ALA B 39 -7.10 -21.61 -10.45
C ALA B 39 -7.85 -21.87 -11.77
N PHE B 40 -7.16 -22.40 -12.76
CA PHE B 40 -7.85 -22.72 -14.00
C PHE B 40 -8.78 -23.93 -13.86
N ASP B 41 -8.37 -24.93 -13.06
CA ASP B 41 -9.19 -26.12 -12.88
C ASP B 41 -10.48 -25.73 -12.17
N LEU B 42 -10.37 -24.79 -11.23
CA LEU B 42 -11.51 -24.43 -10.39
C LEU B 42 -12.47 -23.55 -11.16
N GLY B 43 -11.91 -22.57 -11.87
CA GLY B 43 -12.72 -21.67 -12.69
C GLY B 43 -13.53 -22.42 -13.73
N THR B 44 -12.90 -23.43 -14.34
CA THR B 44 -13.56 -24.31 -15.28
C THR B 44 -14.63 -25.13 -14.58
N TYR B 45 -14.25 -25.73 -13.45
CA TYR B 45 -15.17 -26.52 -12.66
C TYR B 45 -16.48 -25.77 -12.35
N ILE B 46 -16.36 -24.51 -11.95
CA ILE B 46 -17.53 -23.68 -11.61
C ILE B 46 -18.32 -23.24 -12.85
N LYS B 47 -17.62 -23.03 -13.96
CA LYS B 47 -18.30 -22.73 -15.21
C LYS B 47 -19.30 -23.85 -15.48
N ASN B 48 -18.79 -25.07 -15.69
CA ASN B 48 -19.63 -26.26 -15.88
C ASN B 48 -20.75 -26.35 -14.85
N ALA B 49 -20.40 -26.16 -13.60
CA ALA B 49 -21.34 -26.26 -12.49
C ALA B 49 -22.59 -25.36 -12.66
N VAL B 50 -22.39 -24.07 -12.91
CA VAL B 50 -23.52 -23.17 -13.05
C VAL B 50 -24.23 -23.43 -14.39
N LYS B 51 -23.47 -23.88 -15.39
CA LYS B 51 -24.09 -24.20 -16.68
C LYS B 51 -25.04 -25.41 -16.58
N GLU B 52 -24.79 -26.30 -15.62
CA GLU B 52 -25.72 -27.38 -15.33
C GLU B 52 -26.94 -26.82 -14.59
N ASN B 53 -26.73 -26.39 -13.34
CA ASN B 53 -27.81 -25.86 -12.51
C ASN B 53 -28.61 -24.71 -13.11
N PHE B 54 -27.90 -23.69 -13.57
CA PHE B 54 -28.55 -22.52 -14.15
C PHE B 54 -28.13 -22.41 -15.61
N PRO B 55 -28.82 -23.19 -16.47
CA PRO B 55 -28.43 -23.49 -17.85
C PRO B 55 -28.44 -22.27 -18.79
N ASP B 56 -29.50 -21.49 -18.69
CA ASP B 56 -29.74 -20.40 -19.64
C ASP B 56 -29.37 -18.99 -19.14
N LYS B 57 -28.92 -18.89 -17.88
CA LYS B 57 -28.68 -17.58 -17.25
C LYS B 57 -27.20 -17.12 -17.33
N PRO B 58 -26.98 -15.89 -17.83
CA PRO B 58 -25.61 -15.35 -17.94
C PRO B 58 -24.99 -15.05 -16.58
N VAL B 59 -23.79 -15.55 -16.38
CA VAL B 59 -23.11 -15.50 -15.10
C VAL B 59 -21.60 -15.35 -15.33
N ALA B 60 -20.96 -14.51 -14.51
CA ALA B 60 -19.53 -14.27 -14.64
C ALA B 60 -18.78 -14.87 -13.47
N ILE B 61 -17.70 -15.60 -13.75
CA ILE B 61 -16.88 -16.18 -12.69
C ILE B 61 -15.48 -15.60 -12.72
N ASP B 62 -14.97 -15.25 -11.56
CA ASP B 62 -13.66 -14.64 -11.45
C ASP B 62 -12.92 -15.17 -10.23
N ILE B 63 -11.64 -15.52 -10.39
CA ILE B 63 -10.75 -15.71 -9.26
C ILE B 63 -9.57 -14.77 -9.40
N SER B 64 -9.39 -13.88 -8.43
CA SER B 64 -8.23 -12.99 -8.45
C SER B 64 -7.51 -13.09 -7.09
N LEU B 65 -6.41 -12.38 -6.95
CA LEU B 65 -5.58 -12.52 -5.75
C LEU B 65 -5.71 -11.25 -4.92
N PRO B 66 -5.40 -11.33 -3.62
CA PRO B 66 -5.64 -10.17 -2.74
C PRO B 66 -5.13 -8.83 -3.29
N ASN B 67 -4.15 -8.88 -4.19
CA ASN B 67 -3.57 -7.67 -4.74
C ASN B 67 -4.24 -7.30 -6.07
N GLY B 68 -5.24 -8.07 -6.47
CA GLY B 68 -6.05 -7.70 -7.60
C GLY B 68 -5.66 -8.38 -8.90
N HIS B 69 -4.55 -9.11 -8.88
CA HIS B 69 -4.11 -9.84 -10.07
C HIS B 69 -5.14 -10.89 -10.46
N CYS B 70 -5.60 -10.83 -11.70
CA CYS B 70 -6.70 -11.69 -12.14
C CYS B 70 -6.25 -12.97 -12.83
N LEU B 71 -6.45 -14.12 -12.16
CA LEU B 71 -6.00 -15.41 -12.65
C LEU B 71 -6.96 -16.05 -13.66
N PHE B 72 -8.26 -15.89 -13.41
CA PHE B 72 -9.27 -16.51 -14.27
C PHE B 72 -10.51 -15.66 -14.34
N ARG B 73 -11.05 -15.52 -15.54
CA ARG B 73 -12.35 -14.91 -15.70
C ARG B 73 -13.11 -15.59 -16.80
N THR B 74 -14.37 -15.93 -16.55
CA THR B 74 -15.22 -16.37 -17.64
C THR B 74 -16.69 -15.96 -17.50
N VAL B 75 -17.47 -16.27 -18.53
CA VAL B 75 -18.91 -16.01 -18.51
C VAL B 75 -19.63 -17.17 -19.23
N THR B 76 -20.81 -17.54 -18.71
CA THR B 76 -21.49 -18.77 -19.11
C THR B 76 -22.61 -18.74 -20.18
N TYR B 77 -22.94 -17.57 -20.74
CA TYR B 77 -23.95 -17.47 -21.81
C TYR B 77 -23.98 -16.02 -22.26
N GLY B 78 -24.61 -15.74 -23.40
CA GLY B 78 -24.76 -14.40 -23.89
C GLY B 78 -25.59 -13.57 -22.94
N GLY B 79 -25.58 -12.24 -23.14
CA GLY B 79 -26.37 -11.36 -22.29
C GLY B 79 -25.71 -11.04 -20.98
N SER B 80 -24.40 -11.29 -20.89
CA SER B 80 -23.60 -10.71 -19.82
C SER B 80 -23.08 -9.35 -20.28
N ALA B 81 -23.03 -8.39 -19.37
CA ALA B 81 -22.61 -7.04 -19.76
C ALA B 81 -21.50 -6.54 -18.87
N LEU B 82 -21.01 -5.34 -19.18
CA LEU B 82 -19.93 -4.73 -18.42
C LEU B 82 -20.31 -4.63 -16.94
N ASP B 83 -21.60 -4.55 -16.67
CA ASP B 83 -22.07 -4.33 -15.31
C ASP B 83 -21.66 -5.52 -14.42
N ASN B 84 -21.46 -6.67 -15.04
CA ASN B 84 -20.94 -7.81 -14.32
C ASN B 84 -19.52 -7.59 -13.80
N ASP B 85 -18.64 -7.06 -14.65
CA ASP B 85 -17.33 -6.57 -14.23
C ASP B 85 -17.42 -5.66 -12.98
N PHE B 86 -18.32 -4.69 -12.99
CA PHE B 86 -18.44 -3.81 -11.84
C PHE B 86 -18.90 -4.55 -10.59
N TRP B 87 -19.73 -5.57 -10.76
CA TRP B 87 -20.25 -6.31 -9.62
C TRP B 87 -19.13 -7.14 -9.02
N ILE B 88 -18.44 -7.85 -9.91
CA ILE B 88 -17.30 -8.65 -9.49
C ILE B 88 -16.32 -7.77 -8.73
N GLN B 89 -15.90 -6.68 -9.37
CA GLN B 89 -14.95 -5.78 -8.76
C GLN B 89 -15.45 -5.38 -7.37
N ARG B 90 -16.69 -4.92 -7.35
CA ARG B 90 -17.28 -4.33 -6.17
C ARG B 90 -17.46 -5.31 -5.02
N LYS B 91 -17.95 -6.51 -5.28
CA LYS B 91 -18.14 -7.45 -4.19
C LYS B 91 -16.85 -8.15 -3.80
N LYS B 92 -15.90 -8.23 -4.73
CA LYS B 92 -14.56 -8.74 -4.43
C LYS B 92 -13.87 -7.83 -3.43
N LYS B 93 -13.95 -6.53 -3.67
CA LYS B 93 -13.27 -5.55 -2.83
C LYS B 93 -13.77 -5.64 -1.39
N THR B 94 -15.07 -5.82 -1.25
CA THR B 94 -15.68 -6.04 0.06
C THR B 94 -15.12 -7.28 0.73
N ALA B 95 -15.21 -8.40 0.02
CA ALA B 95 -14.75 -9.66 0.55
C ALA B 95 -13.26 -9.59 0.90
N LEU B 96 -12.47 -8.97 0.03
CA LEU B 96 -11.03 -8.82 0.26
C LEU B 96 -10.71 -7.87 1.40
N ARG B 97 -11.50 -6.81 1.53
CA ARG B 97 -11.24 -5.80 2.55
C ARG B 97 -11.66 -6.22 3.95
N PHE B 98 -12.86 -6.78 4.11
CA PHE B 98 -13.27 -7.22 5.46
C PHE B 98 -12.87 -8.69 5.59
N GLY B 99 -13.05 -9.26 6.75
CA GLY B 99 -12.54 -10.62 6.89
C GLY B 99 -13.38 -11.71 6.23
N HIS B 100 -14.42 -11.32 5.51
CA HIS B 100 -15.55 -12.20 5.31
C HIS B 100 -16.07 -12.14 3.89
N SER B 101 -17.07 -12.96 3.58
CA SER B 101 -17.63 -12.96 2.25
C SER B 101 -18.51 -11.76 2.08
N SER B 102 -18.70 -11.35 0.84
CA SER B 102 -19.82 -10.49 0.54
C SER B 102 -21.01 -11.42 0.66
N PHE B 103 -22.11 -10.85 1.12
CA PHE B 103 -23.31 -11.51 1.68
C PHE B 103 -23.17 -11.88 3.13
N TYR B 104 -21.97 -12.15 3.64
CA TYR B 104 -21.89 -12.27 5.09
C TYR B 104 -22.01 -10.83 5.54
N MET B 105 -21.33 -9.96 4.81
CA MET B 105 -21.21 -8.56 5.21
C MET B 105 -22.52 -7.84 4.91
N GLY B 106 -23.15 -8.24 3.81
CA GLY B 106 -24.48 -7.75 3.49
C GLY B 106 -25.47 -8.13 4.57
N CYS B 107 -25.36 -9.35 5.09
CA CYS B 107 -26.20 -9.77 6.21
C CYS B 107 -25.91 -8.93 7.44
N LYS B 108 -24.65 -8.61 7.65
CA LYS B 108 -24.21 -7.87 8.84
C LYS B 108 -24.72 -6.41 8.83
N LYS B 109 -25.45 -6.05 7.77
CA LYS B 109 -26.04 -4.72 7.64
C LYS B 109 -27.51 -4.69 7.10
N GLY B 110 -28.39 -3.97 7.78
CA GLY B 110 -29.70 -3.65 7.23
C GLY B 110 -29.77 -2.16 6.90
N ASP B 111 -28.60 -1.53 6.91
CA ASP B 111 -28.39 -0.07 6.77
C ASP B 111 -27.69 0.35 5.48
N LYS B 112 -27.51 1.66 5.31
CA LYS B 112 -26.73 2.20 4.20
C LYS B 112 -25.28 1.79 4.36
N THR B 113 -24.70 1.21 3.31
CA THR B 113 -23.26 1.05 3.32
C THR B 113 -22.59 2.43 3.29
N PRO B 114 -23.04 3.37 2.37
CA PRO B 114 -22.17 4.52 2.18
C PRO B 114 -22.13 5.43 3.36
N GLU B 115 -21.76 4.87 4.51
CA GLU B 115 -21.42 5.69 5.64
C GLU B 115 -22.42 5.61 6.75
N GLU B 116 -23.43 4.76 6.62
CA GLU B 116 -24.13 4.47 7.85
C GLU B 116 -23.23 3.51 8.62
N LYS B 117 -23.15 2.27 8.16
CA LYS B 117 -22.52 1.18 8.94
C LYS B 117 -21.00 1.22 8.87
N PHE B 118 -20.48 1.00 7.66
CA PHE B 118 -19.05 0.79 7.48
C PHE B 118 -18.23 1.96 6.96
N PHE B 119 -18.89 3.06 6.63
CA PHE B 119 -18.23 4.28 6.17
C PHE B 119 -17.48 4.17 4.86
N VAL B 120 -17.92 3.27 3.99
CA VAL B 120 -17.26 3.08 2.70
C VAL B 120 -18.25 3.50 1.63
N ASP B 121 -17.79 3.81 0.44
CA ASP B 121 -18.73 4.24 -0.60
C ASP B 121 -19.32 3.02 -1.29
N SER B 122 -20.65 2.97 -1.35
CA SER B 122 -21.35 1.85 -2.00
C SER B 122 -20.94 1.67 -3.44
N LYS B 123 -20.54 2.74 -4.12
CA LYS B 123 -20.15 2.63 -5.53
C LYS B 123 -18.89 1.80 -5.66
N GLU B 124 -18.06 1.89 -4.63
CA GLU B 124 -16.80 1.16 -4.59
C GLU B 124 -16.99 -0.27 -4.10
N TYR B 125 -17.79 -0.43 -3.05
CA TYR B 125 -17.93 -1.70 -2.34
C TYR B 125 -19.34 -2.29 -2.40
N ALA B 126 -19.47 -3.54 -2.84
CA ALA B 126 -20.77 -4.20 -2.97
C ALA B 126 -21.05 -5.10 -1.79
N PHE B 127 -22.19 -4.89 -1.16
CA PHE B 127 -22.61 -5.76 -0.06
C PHE B 127 -23.62 -6.86 -0.40
N HIS B 128 -23.89 -7.11 -1.67
CA HIS B 128 -24.64 -8.30 -2.05
C HIS B 128 -23.73 -9.53 -2.09
N GLY B 129 -24.31 -10.70 -2.37
CA GLY B 129 -23.58 -11.95 -2.34
C GLY B 129 -22.87 -12.31 -3.64
N GLY B 130 -22.09 -13.38 -3.60
CA GLY B 130 -21.25 -13.78 -4.72
C GLY B 130 -19.74 -13.73 -4.54
N ALA B 131 -19.24 -13.11 -3.50
CA ALA B 131 -17.80 -13.13 -3.27
C ALA B 131 -17.46 -14.00 -2.08
N VAL B 132 -16.56 -14.96 -2.29
CA VAL B 132 -16.11 -15.83 -1.19
C VAL B 132 -14.60 -16.01 -1.22
N LEU B 133 -13.96 -15.76 -0.09
CA LEU B 133 -12.52 -15.93 0.03
C LEU B 133 -12.06 -17.39 0.00
N ILE B 134 -11.16 -17.72 -0.92
CA ILE B 134 -10.48 -19.03 -0.89
C ILE B 134 -9.41 -19.04 0.20
N GLN B 135 -9.54 -20.00 1.10
CA GLN B 135 -8.67 -20.01 2.27
C GLN B 135 -7.47 -20.93 2.12
N SER B 136 -6.65 -20.97 3.17
CA SER B 136 -5.39 -21.68 3.16
C SER B 136 -5.27 -22.45 4.46
N GLU B 137 -5.14 -23.77 4.35
CA GLU B 137 -4.96 -24.61 5.53
C GLU B 137 -3.81 -24.07 6.36
N ARG B 138 -2.75 -23.63 5.69
CA ARG B 138 -1.55 -23.24 6.41
C ARG B 138 -1.51 -21.77 6.87
N SER B 139 -2.39 -20.92 6.36
CA SER B 139 -2.36 -19.49 6.70
C SER B 139 -3.66 -18.94 7.33
N THR B 140 -3.52 -17.96 8.21
CA THR B 140 -4.73 -17.31 8.75
C THR B 140 -5.22 -16.25 7.78
N TYR B 141 -4.58 -16.14 6.61
CA TYR B 141 -5.00 -15.18 5.58
C TYR B 141 -5.24 -15.93 4.25
N PRO B 142 -6.12 -15.39 3.37
CA PRO B 142 -6.60 -16.12 2.19
C PRO B 142 -5.70 -16.11 0.96
N TYR B 143 -5.77 -17.17 0.18
CA TYR B 143 -5.03 -17.31 -1.07
C TYR B 143 -5.47 -16.27 -2.06
N ALA B 144 -6.77 -16.28 -2.32
CA ALA B 144 -7.37 -15.54 -3.41
C ALA B 144 -8.81 -15.25 -3.09
N CYS B 145 -9.53 -14.75 -4.08
CA CYS B 145 -10.96 -14.51 -3.91
C CYS B 145 -11.74 -15.07 -5.10
N LEU B 146 -12.83 -15.75 -4.79
CA LEU B 146 -13.72 -16.28 -5.80
C LEU B 146 -15.00 -15.46 -5.83
N THR B 147 -15.40 -14.98 -7.01
CA THR B 147 -16.61 -14.17 -7.10
C THR B 147 -17.42 -14.53 -8.33
N ILE B 148 -18.71 -14.72 -8.09
CA ILE B 148 -19.67 -15.09 -9.13
C ILE B 148 -20.68 -13.98 -9.23
N SER B 149 -21.11 -13.63 -10.44
CA SER B 149 -22.10 -12.58 -10.60
C SER B 149 -23.21 -12.92 -11.57
N GLY B 150 -24.43 -12.48 -11.26
CA GLY B 150 -25.55 -12.58 -12.20
C GLY B 150 -26.73 -13.48 -11.87
N LEU B 151 -26.64 -14.24 -10.79
CA LEU B 151 -27.81 -14.90 -10.26
C LEU B 151 -28.38 -14.02 -9.15
N LYS B 152 -29.37 -14.55 -8.44
CA LYS B 152 -29.80 -13.93 -7.19
C LYS B 152 -28.61 -14.01 -6.24
N GLN B 153 -28.49 -13.05 -5.34
CA GLN B 153 -27.28 -12.93 -4.53
C GLN B 153 -27.05 -14.19 -3.68
N GLU B 154 -28.13 -14.75 -3.15
CA GLU B 154 -28.06 -15.99 -2.37
C GLU B 154 -27.46 -17.12 -3.20
N GLU B 155 -27.96 -17.27 -4.42
CA GLU B 155 -27.48 -18.29 -5.35
C GLU B 155 -26.04 -18.05 -5.79
N ASP B 156 -25.72 -16.79 -6.09
CA ASP B 156 -24.34 -16.37 -6.37
C ASP B 156 -23.39 -16.85 -5.26
N HIS B 157 -23.74 -16.59 -4.01
CA HIS B 157 -22.99 -17.03 -2.83
C HIS B 157 -22.93 -18.57 -2.67
N LEU B 158 -24.07 -19.23 -2.72
CA LEU B 158 -24.10 -20.67 -2.48
C LEU B 158 -23.30 -21.44 -3.53
N MET B 159 -23.44 -21.06 -4.80
CA MET B 159 -22.66 -21.70 -5.84
C MET B 159 -21.19 -21.57 -5.49
N ALA B 160 -20.81 -20.37 -5.07
CA ALA B 160 -19.43 -20.12 -4.72
C ALA B 160 -19.02 -20.99 -3.53
N VAL B 161 -19.86 -21.01 -2.49
CA VAL B 161 -19.57 -21.83 -1.32
C VAL B 161 -19.57 -23.33 -1.67
N SER B 162 -20.65 -23.79 -2.29
CA SER B 162 -20.78 -25.20 -2.63
C SER B 162 -19.66 -25.70 -3.55
N SER B 163 -19.38 -24.97 -4.63
CA SER B 163 -18.36 -25.38 -5.59
C SER B 163 -16.97 -25.40 -4.98
N LEU B 164 -16.71 -24.52 -4.01
CA LEU B 164 -15.40 -24.48 -3.34
C LEU B 164 -15.20 -25.71 -2.46
N ILE B 165 -16.18 -26.00 -1.62
CA ILE B 165 -16.11 -27.15 -0.72
C ILE B 165 -16.08 -28.43 -1.53
N ALA B 166 -16.83 -28.44 -2.63
CA ALA B 166 -16.78 -29.55 -3.59
C ALA B 166 -15.37 -29.77 -4.15
N PHE B 167 -14.87 -28.78 -4.88
CA PHE B 167 -13.54 -28.81 -5.47
C PHE B 167 -12.49 -29.26 -4.45
N ALA B 168 -12.65 -28.80 -3.21
CA ALA B 168 -11.77 -29.20 -2.12
C ALA B 168 -11.74 -30.71 -1.97
N ASN B 169 -12.84 -31.29 -1.50
CA ASN B 169 -12.95 -32.75 -1.32
C ASN B 169 -12.59 -33.51 -2.59
N GLU B 170 -13.38 -33.35 -3.64
CA GLU B 170 -13.13 -34.03 -4.91
C GLU B 170 -13.34 -33.12 -6.13
N MET C 1 19.91 -15.38 15.13
CA MET C 1 21.23 -14.98 14.64
C MET C 1 21.33 -15.02 13.12
N VAL C 2 21.59 -13.86 12.52
CA VAL C 2 21.67 -13.73 11.08
C VAL C 2 23.00 -13.08 10.69
N VAL C 3 23.73 -13.73 9.79
CA VAL C 3 24.99 -13.15 9.31
C VAL C 3 24.87 -12.76 7.83
N LEU C 4 25.28 -11.53 7.50
CA LEU C 4 25.24 -11.11 6.11
C LEU C 4 26.53 -11.50 5.43
N ASP C 5 26.43 -12.38 4.43
CA ASP C 5 27.58 -12.74 3.63
C ASP C 5 28.19 -11.49 3.03
N LYS C 6 29.46 -11.22 3.34
CA LYS C 6 30.05 -9.93 2.95
C LYS C 6 30.48 -9.94 1.49
N LYS C 7 30.83 -11.10 0.96
CA LYS C 7 31.24 -11.18 -0.44
C LYS C 7 30.02 -11.22 -1.34
N LEU C 8 28.91 -11.76 -0.84
CA LEU C 8 27.65 -11.70 -1.58
C LEU C 8 27.19 -10.25 -1.65
N LEU C 9 27.26 -9.57 -0.52
CA LEU C 9 27.20 -8.13 -0.46
C LEU C 9 28.44 -7.67 -1.22
N GLU C 10 28.44 -6.45 -1.75
CA GLU C 10 29.59 -5.93 -2.51
C GLU C 10 29.71 -6.62 -3.87
N ARG C 11 29.22 -7.84 -3.98
CA ARG C 11 29.01 -8.46 -5.27
C ARG C 11 27.57 -8.11 -5.66
N LEU C 12 26.86 -7.58 -4.67
CA LEU C 12 25.59 -6.91 -4.84
C LEU C 12 25.89 -5.43 -4.99
N THR C 13 26.59 -4.84 -4.01
CA THR C 13 26.94 -3.43 -4.05
C THR C 13 27.56 -3.03 -5.38
N SER C 14 28.64 -3.70 -5.75
CA SER C 14 29.09 -3.67 -7.12
C SER C 14 28.09 -4.58 -7.80
N ARG C 15 27.60 -4.25 -8.98
CA ARG C 15 26.53 -5.07 -9.55
C ARG C 15 27.10 -6.39 -10.06
N LYS C 16 26.33 -7.11 -10.86
CA LYS C 16 26.86 -8.33 -11.42
C LYS C 16 26.58 -9.58 -10.59
N VAL C 17 25.49 -9.53 -9.82
CA VAL C 17 24.80 -10.78 -9.52
C VAL C 17 23.73 -10.90 -10.59
N PRO C 18 23.83 -11.94 -11.41
CA PRO C 18 22.87 -12.17 -12.48
C PRO C 18 21.44 -12.26 -11.97
N LEU C 19 20.47 -11.78 -12.73
CA LEU C 19 19.07 -11.83 -12.32
C LEU C 19 18.66 -13.23 -11.89
N GLU C 20 19.11 -14.23 -12.64
CA GLU C 20 18.63 -15.59 -12.40
C GLU C 20 19.15 -16.11 -11.08
N GLU C 21 20.24 -15.52 -10.60
CA GLU C 21 20.75 -15.85 -9.29
C GLU C 21 19.89 -15.19 -8.19
N LEU C 22 19.62 -13.90 -8.40
CA LEU C 22 18.77 -13.13 -7.49
C LEU C 22 17.47 -13.89 -7.30
N GLU C 23 16.84 -14.25 -8.41
CA GLU C 23 15.57 -14.96 -8.36
C GLU C 23 15.72 -16.25 -7.57
N ASP C 24 16.92 -16.82 -7.59
CA ASP C 24 17.15 -18.09 -6.88
C ASP C 24 17.20 -17.84 -5.36
N MET C 25 17.82 -16.74 -4.96
CA MET C 25 17.80 -16.34 -3.55
C MET C 25 16.36 -16.14 -3.07
N GLU C 26 15.61 -15.36 -3.83
CA GLU C 26 14.26 -14.96 -3.48
C GLU C 26 13.35 -16.16 -3.29
N LYS C 27 13.34 -17.02 -4.29
CA LYS C 27 12.50 -18.21 -4.27
C LYS C 27 12.87 -19.13 -3.08
N ARG C 28 14.01 -18.86 -2.45
CA ARG C 28 14.37 -19.59 -1.23
C ARG C 28 13.65 -19.03 -0.03
N CYS C 29 13.07 -17.82 -0.13
CA CYS C 29 12.36 -17.31 1.03
C CYS C 29 10.89 -17.66 1.00
N PHE C 30 10.54 -18.72 1.73
CA PHE C 30 9.16 -19.14 1.76
C PHE C 30 8.88 -19.78 3.08
N LEU C 31 7.60 -19.81 3.45
CA LEU C 31 7.23 -20.31 4.75
C LEU C 31 6.22 -21.42 4.58
N SER C 32 6.09 -22.24 5.62
CA SER C 32 5.21 -23.39 5.60
C SER C 32 3.83 -22.96 6.05
N THR C 33 3.76 -22.38 7.24
CA THR C 33 2.56 -21.71 7.68
C THR C 33 2.82 -20.21 7.73
N PHE C 34 1.76 -19.42 7.54
CA PHE C 34 1.81 -17.98 7.83
C PHE C 34 0.62 -17.55 8.71
N THR C 35 0.96 -17.22 9.94
CA THR C 35 0.00 -17.04 11.02
C THR C 35 0.23 -15.65 11.60
N TYR C 36 -0.78 -15.04 12.21
CA TYR C 36 -0.60 -13.71 12.82
C TYR C 36 0.60 -13.72 13.76
N GLN C 37 0.84 -14.87 14.38
CA GLN C 37 1.92 -15.02 15.33
C GLN C 37 3.24 -15.17 14.57
N ASP C 38 3.17 -15.86 13.45
CA ASP C 38 4.30 -15.98 12.58
C ASP C 38 4.80 -14.60 12.16
N ALA C 39 3.86 -13.74 11.79
CA ALA C 39 4.20 -12.38 11.37
C ALA C 39 4.86 -11.63 12.50
N PHE C 40 4.38 -11.85 13.72
CA PHE C 40 4.94 -11.12 14.84
C PHE C 40 6.34 -11.64 15.13
N ASP C 41 6.50 -12.95 15.05
CA ASP C 41 7.77 -13.57 15.38
C ASP C 41 8.84 -13.17 14.39
N LEU C 42 8.48 -13.28 13.11
CA LEU C 42 9.42 -12.97 12.05
C LEU C 42 9.80 -11.50 12.10
N GLY C 43 8.80 -10.64 12.29
CA GLY C 43 9.01 -9.21 12.41
C GLY C 43 9.96 -8.85 13.52
N THR C 44 9.88 -9.54 14.65
CA THR C 44 10.74 -9.24 15.81
C THR C 44 12.10 -9.84 15.64
N TYR C 45 12.13 -10.98 14.99
CA TYR C 45 13.37 -11.66 14.64
C TYR C 45 14.24 -10.74 13.77
N ILE C 46 13.63 -10.17 12.73
CA ILE C 46 14.29 -9.24 11.84
C ILE C 46 14.73 -8.01 12.62
N ARG C 47 13.86 -7.55 13.53
CA ARG C 47 14.14 -6.34 14.30
C ARG C 47 15.36 -6.57 15.15
N ASN C 48 15.47 -7.77 15.71
CA ASN C 48 16.62 -8.06 16.56
C ASN C 48 17.90 -8.17 15.74
N ALA C 49 17.84 -8.97 14.67
CA ALA C 49 18.93 -9.10 13.69
C ALA C 49 19.46 -7.76 13.17
N VAL C 50 18.57 -6.85 12.80
CA VAL C 50 18.98 -5.53 12.32
C VAL C 50 19.65 -4.76 13.46
N LYS C 51 19.07 -4.85 14.66
CA LYS C 51 19.69 -4.17 15.79
C LYS C 51 21.10 -4.73 16.04
N GLU C 52 21.29 -6.01 15.73
CA GLU C 52 22.56 -6.66 15.97
C GLU C 52 23.59 -6.22 14.93
N ASN C 53 23.34 -6.57 13.67
CA ASN C 53 24.23 -6.20 12.58
C ASN C 53 24.43 -4.68 12.40
N PHE C 54 23.41 -3.89 12.73
CA PHE C 54 23.51 -2.46 12.45
C PHE C 54 23.12 -1.56 13.60
N PRO C 55 23.84 -1.68 14.73
CA PRO C 55 23.52 -0.86 15.91
C PRO C 55 23.62 0.61 15.57
N GLU C 56 22.85 1.44 16.25
CA GLU C 56 22.84 2.87 15.98
C GLU C 56 22.31 3.30 14.59
N LYS C 57 22.01 2.37 13.71
CA LYS C 57 21.38 2.72 12.44
C LYS C 57 19.86 2.45 12.52
N PRO C 58 19.04 3.49 12.30
CA PRO C 58 17.57 3.44 12.24
C PRO C 58 17.02 2.73 11.02
N VAL C 59 16.14 1.76 11.23
CA VAL C 59 15.62 0.96 10.14
C VAL C 59 14.16 0.68 10.39
N ALA C 60 13.33 0.87 9.37
CA ALA C 60 11.91 0.54 9.50
C ALA C 60 11.64 -0.81 8.84
N ILE C 61 10.91 -1.67 9.55
CA ILE C 61 10.60 -3.02 9.05
C ILE C 61 9.08 -3.17 8.87
N ASP C 62 8.64 -3.73 7.75
CA ASP C 62 7.21 -3.87 7.48
C ASP C 62 6.83 -5.25 6.97
N ILE C 63 5.78 -5.86 7.53
CA ILE C 63 5.19 -7.04 6.89
C ILE C 63 3.72 -6.80 6.59
N SER C 64 3.35 -6.88 5.31
CA SER C 64 1.98 -6.60 4.87
C SER C 64 1.50 -7.66 3.92
N LEU C 65 0.19 -7.85 3.85
CA LEU C 65 -0.38 -8.76 2.86
C LEU C 65 -0.41 -8.09 1.49
N PRO C 66 -0.60 -8.87 0.43
CA PRO C 66 -0.71 -8.31 -0.90
C PRO C 66 -1.88 -7.36 -1.09
N ASN C 67 -2.86 -7.37 -0.20
CA ASN C 67 -3.95 -6.40 -0.32
C ASN C 67 -3.68 -5.13 0.49
N GLY C 68 -2.57 -5.15 1.24
CA GLY C 68 -2.12 -3.99 2.00
C GLY C 68 -2.29 -4.05 3.49
N HIS C 69 -3.06 -5.02 4.00
CA HIS C 69 -3.26 -5.11 5.44
C HIS C 69 -1.91 -5.25 6.14
N CYS C 70 -1.59 -4.31 7.00
CA CYS C 70 -0.30 -4.31 7.66
C CYS C 70 -0.36 -5.10 8.95
N LEU C 71 0.53 -6.09 9.05
CA LEU C 71 0.62 -7.01 10.17
C LEU C 71 1.65 -6.55 11.19
N PHE C 72 2.86 -6.31 10.72
CA PHE C 72 3.93 -5.87 11.61
C PHE C 72 4.55 -4.58 11.11
N ARG C 73 4.81 -3.64 12.01
CA ARG C 73 5.69 -2.55 11.64
C ARG C 73 6.54 -2.16 12.82
N THR C 74 7.84 -2.03 12.63
CA THR C 74 8.64 -1.47 13.70
C THR C 74 9.71 -0.52 13.17
N VAL C 75 10.44 0.06 14.10
CA VAL C 75 11.47 1.02 13.80
C VAL C 75 12.61 0.63 14.72
N THR C 76 13.80 0.42 14.16
CA THR C 76 14.87 -0.20 14.94
C THR C 76 15.64 0.74 15.85
N TYR C 77 16.35 1.72 15.33
CA TYR C 77 17.13 2.54 16.28
C TYR C 77 16.56 3.90 16.59
N GLY C 78 15.52 4.32 15.90
CA GLY C 78 15.08 5.66 16.16
C GLY C 78 16.13 6.72 15.84
N GLY C 79 16.56 6.75 14.60
CA GLY C 79 16.75 7.98 13.85
C GLY C 79 15.74 8.04 12.69
N SER C 80 14.69 7.24 12.73
CA SER C 80 13.77 7.13 11.57
C SER C 80 12.85 8.33 11.34
N ALA C 81 12.10 8.28 10.26
CA ALA C 81 11.29 9.43 9.84
C ALA C 81 10.23 8.99 8.85
N LEU C 82 9.22 9.84 8.64
CA LEU C 82 8.11 9.52 7.76
C LEU C 82 8.58 9.04 6.41
N ASP C 83 9.69 9.58 5.91
CA ASP C 83 10.21 9.19 4.59
C ASP C 83 10.45 7.68 4.47
N ASN C 84 10.80 7.04 5.58
CA ASN C 84 10.79 5.58 5.70
C ASN C 84 9.48 4.94 5.28
N ASP C 85 8.36 5.57 5.63
CA ASP C 85 7.08 4.95 5.36
C ASP C 85 6.80 5.04 3.88
N PHE C 86 7.33 6.10 3.26
CA PHE C 86 7.19 6.29 1.83
C PHE C 86 8.02 5.25 1.08
N TRP C 87 9.25 5.04 1.52
CA TRP C 87 10.06 4.02 0.90
C TRP C 87 9.41 2.67 1.05
N ILE C 88 8.86 2.41 2.23
CA ILE C 88 8.23 1.12 2.49
C ILE C 88 7.07 0.88 1.55
N GLN C 89 6.20 1.88 1.35
CA GLN C 89 5.05 1.69 0.46
C GLN C 89 5.53 1.53 -0.95
N ARG C 90 6.48 2.38 -1.29
CA ARG C 90 6.96 2.47 -2.65
C ARG C 90 7.67 1.20 -3.07
N LYS C 91 8.61 0.68 -2.27
CA LYS C 91 9.29 -0.57 -2.62
C LYS C 91 8.33 -1.73 -2.66
N LYS C 92 7.41 -1.72 -1.71
CA LYS C 92 6.42 -2.78 -1.52
C LYS C 92 5.50 -2.87 -2.72
N LYS C 93 5.13 -1.72 -3.26
CA LYS C 93 4.24 -1.68 -4.39
C LYS C 93 4.89 -2.36 -5.60
N THR C 94 6.16 -2.04 -5.86
CA THR C 94 6.94 -2.71 -6.90
C THR C 94 6.98 -4.23 -6.73
N ALA C 95 7.43 -4.68 -5.58
CA ALA C 95 7.54 -6.12 -5.31
C ALA C 95 6.22 -6.83 -5.52
N LEU C 96 5.13 -6.26 -5.02
CA LEU C 96 3.85 -6.93 -5.08
C LEU C 96 3.34 -6.95 -6.51
N ARG C 97 3.58 -5.85 -7.22
CA ARG C 97 3.12 -5.73 -8.60
C ARG C 97 3.87 -6.64 -9.60
N PHE C 98 5.19 -6.67 -9.51
CA PHE C 98 5.97 -7.40 -10.50
C PHE C 98 6.31 -8.84 -10.13
N GLY C 99 6.12 -9.23 -8.88
CA GLY C 99 6.47 -10.57 -8.47
C GLY C 99 7.97 -10.88 -8.33
N HIS C 100 8.78 -9.86 -8.09
CA HIS C 100 10.18 -10.09 -7.73
C HIS C 100 10.57 -9.08 -6.67
N SER C 101 11.73 -9.24 -6.03
CA SER C 101 12.12 -8.29 -5.02
C SER C 101 12.30 -6.94 -5.67
N SER C 102 12.25 -5.89 -4.88
CA SER C 102 12.42 -4.57 -5.44
C SER C 102 13.90 -4.33 -5.79
N PHE C 103 14.80 -5.14 -5.27
CA PHE C 103 16.20 -5.05 -5.70
C PHE C 103 16.33 -5.58 -7.12
N TYR C 104 15.83 -6.79 -7.32
CA TYR C 104 15.81 -7.46 -8.61
C TYR C 104 15.30 -6.52 -9.69
N MET C 105 14.20 -5.81 -9.40
CA MET C 105 13.58 -4.97 -10.43
C MET C 105 14.43 -3.76 -10.72
N GLY C 106 15.16 -3.26 -9.73
CA GLY C 106 16.06 -2.17 -9.98
C GLY C 106 17.18 -2.61 -10.92
N CYS C 107 17.58 -3.88 -10.76
CA CYS C 107 18.61 -4.50 -11.56
C CYS C 107 18.15 -4.70 -12.99
N LYS C 108 16.91 -5.17 -13.16
CA LYS C 108 16.33 -5.33 -14.48
C LYS C 108 16.04 -3.95 -15.09
N LYS C 109 16.07 -2.91 -14.28
CA LYS C 109 15.88 -1.58 -14.81
C LYS C 109 17.22 -1.17 -15.43
N GLY C 110 18.28 -1.37 -14.64
CA GLY C 110 19.58 -0.81 -14.95
C GLY C 110 19.47 0.70 -14.90
N ASP C 111 19.95 1.35 -15.95
CA ASP C 111 19.67 2.76 -16.15
C ASP C 111 18.27 2.80 -16.75
N LYS C 112 17.89 3.94 -17.31
CA LYS C 112 16.66 4.05 -18.11
C LYS C 112 15.35 4.33 -17.35
N THR C 113 15.32 4.38 -16.02
CA THR C 113 14.14 4.91 -15.28
C THR C 113 12.85 4.09 -15.35
N PRO C 114 12.06 4.14 -14.25
CA PRO C 114 10.81 3.37 -14.16
C PRO C 114 9.80 3.83 -15.20
N GLU C 115 9.76 5.12 -15.44
CA GLU C 115 8.80 5.67 -16.37
C GLU C 115 8.92 5.07 -17.78
N GLU C 116 10.14 5.02 -18.33
CA GLU C 116 10.27 4.58 -19.72
C GLU C 116 10.58 3.08 -19.83
N LYS C 117 10.90 2.44 -18.73
CA LYS C 117 11.09 0.99 -18.77
C LYS C 117 9.80 0.25 -18.50
N PHE C 118 9.25 0.45 -17.32
CA PHE C 118 8.02 -0.24 -16.91
C PHE C 118 6.72 0.55 -16.97
N PHE C 119 6.79 1.80 -17.43
CA PHE C 119 5.62 2.65 -17.60
C PHE C 119 4.81 2.82 -16.31
N VAL C 120 5.52 3.25 -15.28
CA VAL C 120 4.94 3.44 -13.97
C VAL C 120 5.52 4.74 -13.45
N ASP C 121 4.79 5.43 -12.57
CA ASP C 121 5.35 6.63 -11.98
C ASP C 121 6.37 6.22 -10.91
N SER C 122 7.55 6.84 -10.93
CA SER C 122 8.58 6.51 -9.97
C SER C 122 8.34 7.16 -8.61
N LYS C 123 7.40 8.11 -8.54
CA LYS C 123 6.99 8.62 -7.25
C LYS C 123 6.19 7.52 -6.53
N GLU C 124 5.53 6.68 -7.32
CA GLU C 124 4.71 5.63 -6.74
C GLU C 124 5.45 4.30 -6.50
N TYR C 125 6.63 4.13 -7.09
CA TYR C 125 7.14 2.76 -7.30
C TYR C 125 8.49 2.32 -6.72
N ALA C 126 9.57 3.09 -6.82
CA ALA C 126 10.75 2.72 -5.99
C ALA C 126 11.42 1.41 -6.32
N PHE C 127 12.39 1.48 -7.22
CA PHE C 127 13.11 0.29 -7.60
C PHE C 127 14.38 0.00 -6.76
N HIS C 128 14.55 0.68 -5.63
CA HIS C 128 15.63 0.31 -4.68
C HIS C 128 15.33 -0.95 -3.89
N GLY C 129 16.26 -1.33 -3.01
CA GLY C 129 16.42 -2.70 -2.58
C GLY C 129 15.51 -3.42 -1.60
N GLY C 130 15.07 -2.73 -0.56
CA GLY C 130 14.48 -3.41 0.59
C GLY C 130 13.22 -4.28 0.55
N ALA C 131 12.53 -4.40 -0.58
CA ALA C 131 11.31 -5.20 -0.59
C ALA C 131 11.55 -6.62 -1.10
N VAL C 132 11.07 -7.61 -0.35
CA VAL C 132 11.18 -9.03 -0.69
C VAL C 132 9.89 -9.81 -0.38
N LEU C 133 9.32 -10.50 -1.35
CA LEU C 133 8.06 -11.20 -1.13
C LEU C 133 8.23 -12.36 -0.16
N ILE C 134 7.24 -12.62 0.70
CA ILE C 134 7.32 -13.81 1.52
C ILE C 134 6.56 -14.91 0.84
N GLN C 135 7.31 -15.86 0.30
CA GLN C 135 6.73 -16.91 -0.53
C GLN C 135 6.06 -17.99 0.27
N SER C 136 5.17 -18.71 -0.39
CA SER C 136 4.52 -19.84 0.25
C SER C 136 4.80 -21.15 -0.46
N GLU C 137 5.42 -22.08 0.26
CA GLU C 137 5.39 -23.48 -0.13
C GLU C 137 3.94 -23.80 -0.35
N ARG C 138 3.64 -24.42 -1.48
CA ARG C 138 2.26 -24.83 -1.86
C ARG C 138 1.35 -23.74 -2.44
N SER C 139 1.68 -22.45 -2.28
CA SER C 139 0.76 -21.42 -2.83
C SER C 139 1.05 -20.79 -4.18
N ASP C 140 2.24 -20.96 -4.75
CA ASP C 140 2.50 -20.41 -6.09
C ASP C 140 2.47 -18.85 -6.11
N TYR C 141 1.88 -18.24 -5.07
CA TYR C 141 1.72 -16.80 -4.95
C TYR C 141 2.01 -16.41 -3.50
N PRO C 142 2.55 -15.19 -3.28
CA PRO C 142 3.17 -14.85 -2.00
C PRO C 142 2.19 -14.81 -0.83
N TYR C 143 2.64 -15.17 0.37
CA TYR C 143 1.85 -14.93 1.58
C TYR C 143 1.69 -13.43 1.79
N ALA C 144 2.80 -12.74 1.67
CA ALA C 144 2.90 -11.34 2.08
C ALA C 144 4.11 -10.70 1.42
N CYS C 145 4.47 -9.50 1.87
CA CYS C 145 5.71 -8.86 1.46
C CYS C 145 6.47 -8.40 2.68
N LEU C 146 7.79 -8.60 2.66
CA LEU C 146 8.64 -8.11 3.72
C LEU C 146 9.40 -6.92 3.18
N THR C 147 9.54 -5.87 3.96
CA THR C 147 10.15 -4.65 3.46
C THR C 147 11.06 -4.02 4.47
N ILE C 148 12.28 -3.73 4.05
CA ILE C 148 13.22 -3.07 4.93
C ILE C 148 13.66 -1.73 4.35
N SER C 149 13.86 -0.73 5.19
CA SER C 149 14.26 0.58 4.72
C SER C 149 15.22 1.33 5.66
N GLY C 150 16.24 1.95 5.07
CA GLY C 150 17.13 2.81 5.82
C GLY C 150 18.58 2.38 5.96
N LEU C 151 18.89 1.19 5.49
CA LEU C 151 20.29 0.81 5.34
C LEU C 151 20.66 1.15 3.91
N LYS C 152 21.90 0.89 3.51
CA LYS C 152 22.22 0.97 2.11
C LYS C 152 21.34 -0.08 1.42
N GLN C 153 20.97 0.22 0.19
CA GLN C 153 20.02 -0.58 -0.57
C GLN C 153 20.31 -2.09 -0.54
N GLU C 154 21.55 -2.46 -0.85
CA GLU C 154 21.94 -3.86 -0.96
C GLU C 154 21.79 -4.59 0.37
N GLU C 155 22.05 -3.84 1.44
CA GLU C 155 21.86 -4.31 2.81
C GLU C 155 20.39 -4.57 3.13
N ASP C 156 19.52 -3.59 2.87
CA ASP C 156 18.09 -3.77 3.03
C ASP C 156 17.63 -5.06 2.36
N HIS C 157 18.10 -5.28 1.12
CA HIS C 157 17.70 -6.44 0.36
C HIS C 157 18.29 -7.70 0.93
N LEU C 158 19.52 -7.61 1.41
CA LEU C 158 20.16 -8.84 1.85
C LEU C 158 19.69 -9.18 3.24
N MET C 159 19.38 -8.17 4.04
CA MET C 159 18.87 -8.42 5.37
C MET C 159 17.53 -9.14 5.26
N ALA C 160 16.71 -8.70 4.32
CA ALA C 160 15.39 -9.28 4.19
C ALA C 160 15.53 -10.75 3.83
N VAL C 161 16.19 -11.02 2.71
CA VAL C 161 16.42 -12.39 2.23
C VAL C 161 17.13 -13.27 3.26
N SER C 162 18.20 -12.76 3.86
CA SER C 162 18.93 -13.55 4.83
C SER C 162 18.03 -13.88 6.01
N SER C 163 17.35 -12.88 6.56
CA SER C 163 16.49 -13.09 7.72
C SER C 163 15.36 -14.06 7.37
N LEU C 164 14.83 -13.89 6.18
CA LEU C 164 13.71 -14.71 5.71
C LEU C 164 14.10 -16.19 5.55
N ILE C 165 15.36 -16.44 5.19
CA ILE C 165 15.86 -17.82 5.04
C ILE C 165 16.29 -18.40 6.40
N ALA C 166 16.98 -17.59 7.18
CA ALA C 166 17.37 -17.94 8.54
C ALA C 166 16.14 -18.35 9.34
N PHE C 167 15.15 -17.45 9.39
CA PHE C 167 13.88 -17.71 10.06
C PHE C 167 13.24 -19.00 9.57
N ALA C 168 13.06 -19.11 8.26
CA ALA C 168 12.42 -20.28 7.71
C ALA C 168 13.17 -21.54 8.09
N ASN C 169 14.49 -21.42 8.25
CA ASN C 169 15.35 -22.55 8.59
C ASN C 169 15.43 -22.83 10.09
N GLU C 170 14.69 -22.08 10.91
CA GLU C 170 14.60 -22.43 12.33
C GLU C 170 13.32 -23.20 12.62
N SER C 171 12.48 -23.29 11.61
CA SER C 171 11.29 -24.16 11.63
C SER C 171 11.70 -25.54 11.11
N LEU C 172 13.01 -25.73 11.02
CA LEU C 172 13.66 -27.04 11.00
C LEU C 172 13.43 -27.82 12.32
N GLU C 173 12.80 -27.18 13.31
CA GLU C 173 12.26 -27.93 14.46
C GLU C 173 10.83 -28.44 14.19
N GLU C 174 10.41 -28.74 13.06
N MET D 1 0.38 -5.32 34.04
CA MET D 1 -0.95 -5.90 34.10
C MET D 1 -2.04 -4.83 33.99
N VAL D 2 -2.97 -5.04 33.08
CA VAL D 2 -3.99 -4.03 32.83
C VAL D 2 -5.38 -4.64 33.01
N VAL D 3 -6.13 -4.15 33.99
CA VAL D 3 -7.53 -4.56 34.12
C VAL D 3 -8.45 -3.36 33.90
N LEU D 4 -9.48 -3.55 33.10
CA LEU D 4 -10.44 -2.50 32.81
C LEU D 4 -11.48 -2.41 33.95
N ASP D 5 -11.75 -1.21 34.48
CA ASP D 5 -12.79 -1.13 35.50
C ASP D 5 -14.09 -1.47 34.80
N LYS D 6 -14.75 -2.54 35.24
CA LYS D 6 -15.94 -2.97 34.52
C LYS D 6 -17.03 -1.93 34.72
N LYS D 7 -16.94 -1.20 35.84
CA LYS D 7 -17.90 -0.14 36.12
C LYS D 7 -17.83 0.88 35.00
N LEU D 8 -16.64 1.46 34.84
CA LEU D 8 -16.38 2.52 33.87
C LEU D 8 -16.77 2.14 32.43
N LEU D 9 -16.52 0.89 32.04
CA LEU D 9 -16.88 0.43 30.72
C LEU D 9 -18.38 0.55 30.47
N GLU D 10 -19.18 0.00 31.38
CA GLU D 10 -20.64 0.02 31.23
C GLU D 10 -21.16 1.46 31.21
N ARG D 11 -20.54 2.32 32.02
CA ARG D 11 -20.82 3.75 31.99
C ARG D 11 -20.63 4.28 30.57
N LEU D 12 -19.37 4.23 30.14
CA LEU D 12 -18.98 4.66 28.80
C LEU D 12 -19.95 4.08 27.78
N THR D 13 -20.22 2.78 27.85
CA THR D 13 -21.12 2.15 26.89
C THR D 13 -22.49 2.84 26.83
N SER D 14 -22.94 3.35 27.97
CA SER D 14 -24.26 3.96 28.07
C SER D 14 -24.18 5.47 27.87
N ARG D 15 -22.99 5.93 27.49
CA ARG D 15 -22.72 7.35 27.28
C ARG D 15 -23.01 8.12 28.57
N LYS D 16 -22.69 7.48 29.68
CA LYS D 16 -22.95 8.05 30.99
C LYS D 16 -21.90 9.07 31.42
N VAL D 17 -20.83 9.21 30.65
CA VAL D 17 -19.61 9.85 31.17
C VAL D 17 -19.30 11.23 30.54
N PRO D 18 -19.32 12.28 31.38
CA PRO D 18 -19.16 13.68 30.95
C PRO D 18 -17.78 14.00 30.34
N LEU D 19 -17.78 14.86 29.32
CA LEU D 19 -16.56 15.25 28.61
C LEU D 19 -15.44 15.67 29.54
N GLU D 20 -15.77 16.40 30.60
CA GLU D 20 -14.72 16.83 31.51
C GLU D 20 -14.15 15.62 32.23
N GLN D 21 -14.95 14.57 32.36
CA GLN D 21 -14.42 13.34 32.92
C GLN D 21 -13.45 12.72 31.92
N LEU D 22 -13.95 12.53 30.70
CA LEU D 22 -13.17 11.99 29.59
C LEU D 22 -11.82 12.68 29.52
N GLU D 23 -11.84 13.98 29.26
CA GLU D 23 -10.61 14.75 29.12
C GLU D 23 -9.66 14.51 30.30
N ASP D 24 -10.22 14.31 31.50
CA ASP D 24 -9.41 14.16 32.70
C ASP D 24 -8.60 12.88 32.67
N MET D 25 -9.20 11.79 32.20
CA MET D 25 -8.48 10.53 32.00
C MET D 25 -7.38 10.72 30.99
N GLU D 26 -7.79 11.31 29.87
CA GLU D 26 -6.94 11.48 28.71
C GLU D 26 -5.74 12.37 29.07
N LYS D 27 -5.98 13.45 29.80
CA LYS D 27 -4.89 14.34 30.24
C LYS D 27 -3.89 13.62 31.14
N ARG D 28 -4.26 12.44 31.63
CA ARG D 28 -3.39 11.69 32.52
C ARG D 28 -2.45 10.77 31.73
N CYS D 29 -2.75 10.53 30.45
CA CYS D 29 -1.93 9.59 29.69
C CYS D 29 -0.74 10.28 29.11
N PHE D 30 0.39 10.18 29.79
CA PHE D 30 1.56 10.92 29.38
C PHE D 30 2.84 10.26 29.83
N LEU D 31 3.87 10.43 29.01
CA LEU D 31 5.16 9.84 29.25
C LEU D 31 6.14 10.96 29.46
N SER D 32 7.23 10.68 30.14
CA SER D 32 8.25 11.69 30.33
C SER D 32 9.32 11.56 29.27
N THR D 33 9.21 10.52 28.43
CA THR D 33 10.30 10.22 27.49
C THR D 33 9.91 9.94 26.02
N PHE D 34 9.23 8.83 25.78
CA PHE D 34 9.00 8.43 24.38
C PHE D 34 10.21 8.36 23.45
N THR D 35 11.06 7.34 23.58
CA THR D 35 12.06 7.00 22.56
C THR D 35 11.52 6.02 21.54
N TYR D 36 12.32 5.70 20.52
CA TYR D 36 11.92 4.65 19.57
C TYR D 36 11.63 3.33 20.31
N GLN D 37 12.31 3.16 21.45
CA GLN D 37 12.22 1.94 22.25
C GLN D 37 10.99 1.98 23.13
N ASP D 38 10.73 3.16 23.69
CA ASP D 38 9.50 3.42 24.41
C ASP D 38 8.32 3.00 23.55
N ALA D 39 8.38 3.35 22.27
CA ALA D 39 7.33 2.98 21.34
C ALA D 39 7.18 1.47 21.32
N PHE D 40 8.29 0.77 21.16
CA PHE D 40 8.21 -0.67 20.97
C PHE D 40 7.78 -1.36 22.26
N ASP D 41 8.31 -0.86 23.38
CA ASP D 41 7.93 -1.39 24.66
C ASP D 41 6.43 -1.18 24.84
N LEU D 42 5.98 0.06 24.67
CA LEU D 42 4.57 0.38 24.85
C LEU D 42 3.66 -0.46 23.95
N GLY D 43 4.03 -0.64 22.70
CA GLY D 43 3.23 -1.41 21.77
C GLY D 43 3.10 -2.88 22.13
N THR D 44 4.18 -3.49 22.63
CA THR D 44 4.13 -4.92 22.91
C THR D 44 3.42 -5.13 24.25
N TYR D 45 3.60 -4.17 25.14
CA TYR D 45 2.87 -4.12 26.38
C TYR D 45 1.36 -4.23 26.16
N ILE D 46 0.84 -3.30 25.36
CA ILE D 46 -0.55 -3.32 24.95
C ILE D 46 -0.90 -4.60 24.22
N ARG D 47 0.05 -5.12 23.45
CA ARG D 47 -0.25 -6.29 22.64
C ARG D 47 -0.50 -7.44 23.59
N ASN D 48 0.33 -7.52 24.61
CA ASN D 48 0.17 -8.53 25.64
C ASN D 48 -1.19 -8.34 26.31
N ALA D 49 -1.39 -7.12 26.81
CA ALA D 49 -2.64 -6.73 27.47
C ALA D 49 -3.89 -7.11 26.68
N VAL D 50 -4.04 -6.60 25.46
CA VAL D 50 -5.20 -6.98 24.66
C VAL D 50 -5.31 -8.49 24.54
N LYS D 51 -4.19 -9.20 24.50
CA LYS D 51 -4.36 -10.63 24.26
C LYS D 51 -4.66 -11.40 25.55
N GLU D 52 -4.26 -10.88 26.69
CA GLU D 52 -4.67 -11.49 27.95
C GLU D 52 -6.14 -11.24 28.22
N ASN D 53 -6.54 -9.97 28.20
CA ASN D 53 -7.93 -9.60 28.41
C ASN D 53 -8.92 -10.04 27.33
N PHE D 54 -8.50 -10.06 26.07
CA PHE D 54 -9.44 -10.45 25.01
C PHE D 54 -8.93 -11.52 24.08
N PRO D 55 -8.58 -12.70 24.62
CA PRO D 55 -8.06 -13.80 23.80
C PRO D 55 -9.03 -14.11 22.70
N GLU D 56 -8.51 -14.45 21.53
CA GLU D 56 -9.32 -14.79 20.37
C GLU D 56 -10.17 -13.65 19.82
N LYS D 57 -9.77 -12.41 20.13
CA LYS D 57 -10.29 -11.21 19.46
C LYS D 57 -9.18 -10.57 18.62
N PRO D 58 -9.33 -10.55 17.29
CA PRO D 58 -8.29 -9.90 16.50
C PRO D 58 -8.33 -8.39 16.68
N VAL D 59 -7.20 -7.81 17.06
CA VAL D 59 -7.17 -6.40 17.36
C VAL D 59 -5.92 -5.78 16.74
N ALA D 60 -6.09 -4.57 16.18
CA ALA D 60 -4.98 -3.88 15.54
C ALA D 60 -4.51 -2.77 16.48
N ILE D 61 -3.20 -2.61 16.60
CA ILE D 61 -2.61 -1.63 17.50
C ILE D 61 -1.62 -0.75 16.75
N ASP D 62 -1.79 0.57 16.81
CA ASP D 62 -0.88 1.48 16.13
C ASP D 62 -0.21 2.51 17.07
N ILE D 63 1.04 2.86 16.80
CA ILE D 63 1.63 4.03 17.41
C ILE D 63 2.26 4.84 16.30
N SER D 64 1.78 6.07 16.09
CA SER D 64 2.29 6.91 15.03
C SER D 64 2.59 8.30 15.57
N LEU D 65 3.43 9.03 14.88
CA LEU D 65 3.68 10.40 15.23
C LEU D 65 2.59 11.22 14.62
N PRO D 66 2.42 12.48 15.06
CA PRO D 66 1.39 13.33 14.49
C PRO D 66 1.60 13.60 13.01
N ASN D 67 2.84 13.42 12.54
CA ASN D 67 3.15 13.66 11.14
C ASN D 67 2.82 12.45 10.26
N GLY D 68 2.45 11.33 10.88
CA GLY D 68 1.99 10.14 10.17
C GLY D 68 2.97 8.97 10.21
N HIS D 69 4.19 9.27 10.63
CA HIS D 69 5.25 8.26 10.73
C HIS D 69 4.86 7.14 11.71
N CYS D 70 4.85 5.90 11.21
CA CYS D 70 4.44 4.76 12.03
C CYS D 70 5.65 4.20 12.76
N LEU D 71 5.62 4.23 14.09
CA LEU D 71 6.65 3.60 14.90
C LEU D 71 6.36 2.11 15.15
N PHE D 72 5.08 1.78 15.31
CA PHE D 72 4.64 0.44 15.75
C PHE D 72 3.35 0.03 15.15
N ARG D 73 3.26 -1.22 14.75
CA ARG D 73 1.97 -1.77 14.34
C ARG D 73 1.97 -3.27 14.61
N THR D 74 0.84 -3.81 15.03
CA THR D 74 0.72 -5.24 15.19
C THR D 74 -0.72 -5.69 15.11
N VAL D 75 -0.91 -6.99 14.97
CA VAL D 75 -2.20 -7.56 14.85
C VAL D 75 -2.25 -8.63 15.96
N THR D 76 -3.29 -8.63 16.81
CA THR D 76 -3.24 -9.41 18.07
C THR D 76 -3.62 -10.87 17.95
N TYR D 77 -4.19 -11.23 16.81
CA TYR D 77 -4.74 -12.57 16.62
C TYR D 77 -5.21 -12.68 15.19
N GLY D 78 -5.46 -13.91 14.75
CA GLY D 78 -5.95 -14.17 13.41
C GLY D 78 -7.30 -13.56 13.17
N GLY D 79 -7.65 -13.43 11.89
CA GLY D 79 -8.91 -12.81 11.53
C GLY D 79 -8.95 -11.29 11.60
N SER D 80 -7.79 -10.64 11.70
CA SER D 80 -7.73 -9.21 11.46
C SER D 80 -7.81 -9.01 9.96
N ALA D 81 -7.93 -7.75 9.54
CA ALA D 81 -8.17 -7.47 8.13
C ALA D 81 -7.82 -6.05 7.78
N LEU D 82 -7.73 -5.78 6.49
CA LEU D 82 -7.80 -4.41 6.01
C LEU D 82 -9.14 -3.89 6.52
N ASP D 83 -9.28 -2.58 6.60
CA ASP D 83 -10.41 -1.92 7.32
C ASP D 83 -10.10 -1.86 8.81
N ASN D 84 -9.26 -2.76 9.31
CA ASN D 84 -8.62 -2.44 10.58
C ASN D 84 -7.69 -1.28 10.35
N ASP D 85 -7.09 -1.24 9.16
CA ASP D 85 -6.17 -0.18 8.79
C ASP D 85 -6.92 1.12 8.52
N PHE D 86 -8.01 1.02 7.78
CA PHE D 86 -8.88 2.16 7.56
C PHE D 86 -9.35 2.76 8.89
N TRP D 87 -9.83 1.89 9.79
CA TRP D 87 -10.33 2.36 11.09
C TRP D 87 -9.22 3.02 11.86
N ILE D 88 -8.04 2.41 11.82
CA ILE D 88 -6.89 2.99 12.51
C ILE D 88 -6.57 4.37 11.94
N GLN D 89 -6.60 4.50 10.61
CA GLN D 89 -6.27 5.77 9.98
C GLN D 89 -7.32 6.81 10.29
N ARG D 90 -8.58 6.39 10.15
CA ARG D 90 -9.70 7.27 10.43
C ARG D 90 -9.80 7.71 11.90
N LYS D 91 -9.52 6.81 12.85
CA LYS D 91 -9.58 7.22 14.25
C LYS D 91 -8.45 8.20 14.56
N LYS D 92 -7.23 7.80 14.18
CA LYS D 92 -6.01 8.57 14.40
C LYS D 92 -6.16 9.97 13.83
N LYS D 93 -6.74 10.04 12.63
CA LYS D 93 -6.88 11.32 11.97
C LYS D 93 -7.74 12.26 12.82
N THR D 94 -8.92 11.79 13.21
CA THR D 94 -9.79 12.57 14.10
C THR D 94 -9.03 13.02 15.34
N ALA D 95 -8.45 12.06 16.08
CA ALA D 95 -7.73 12.38 17.31
C ALA D 95 -6.63 13.44 17.17
N LEU D 96 -5.79 13.34 16.14
CA LEU D 96 -4.65 14.27 16.00
C LEU D 96 -5.14 15.67 15.60
N ARG D 97 -6.24 15.70 14.87
CA ARG D 97 -6.78 16.97 14.42
C ARG D 97 -7.46 17.74 15.55
N PHE D 98 -8.30 17.03 16.31
CA PHE D 98 -9.16 17.71 17.26
C PHE D 98 -8.58 17.84 18.66
N GLY D 99 -7.50 17.12 18.94
CA GLY D 99 -6.85 17.19 20.24
C GLY D 99 -7.49 16.38 21.36
N HIS D 100 -8.39 15.46 21.03
CA HIS D 100 -8.99 14.58 22.04
C HIS D 100 -9.15 13.16 21.51
N SER D 101 -9.45 12.21 22.39
CA SER D 101 -9.69 10.84 21.99
C SER D 101 -10.70 10.83 20.87
N SER D 102 -10.60 9.87 19.97
CA SER D 102 -11.63 9.75 18.97
C SER D 102 -12.94 9.42 19.66
N PHE D 103 -12.84 8.93 20.90
CA PHE D 103 -14.04 8.55 21.64
C PHE D 103 -14.75 9.75 22.22
N TYR D 104 -13.98 10.61 22.86
CA TYR D 104 -14.45 11.89 23.33
C TYR D 104 -15.16 12.61 22.21
N MET D 105 -14.53 12.63 21.04
CA MET D 105 -15.07 13.37 19.92
C MET D 105 -16.43 12.80 19.47
N GLY D 106 -16.62 11.50 19.66
CA GLY D 106 -17.89 10.86 19.34
C GLY D 106 -18.94 11.17 20.41
N CYS D 107 -18.47 11.44 21.62
CA CYS D 107 -19.34 11.82 22.73
C CYS D 107 -19.88 13.18 22.42
N LYS D 108 -18.95 14.10 22.18
CA LYS D 108 -19.28 15.38 21.57
C LYS D 108 -19.91 14.97 20.24
N LYS D 109 -20.71 15.82 19.62
CA LYS D 109 -21.39 15.46 18.37
C LYS D 109 -22.64 14.56 18.43
N GLY D 110 -22.81 13.80 19.52
CA GLY D 110 -23.60 12.59 19.41
C GLY D 110 -24.93 12.76 18.69
N ASP D 111 -25.16 11.88 17.73
CA ASP D 111 -26.38 11.84 16.89
C ASP D 111 -26.36 12.82 15.72
N LYS D 112 -25.49 13.83 15.75
CA LYS D 112 -25.30 14.63 14.54
C LYS D 112 -24.28 13.90 13.67
N THR D 113 -24.40 14.02 12.35
CA THR D 113 -23.38 13.49 11.46
C THR D 113 -22.11 14.30 11.60
N PRO D 114 -20.95 13.68 11.29
CA PRO D 114 -19.66 14.39 11.33
C PRO D 114 -19.67 15.57 10.37
N GLU D 115 -20.17 15.34 9.16
CA GLU D 115 -20.34 16.40 8.19
C GLU D 115 -21.14 17.59 8.76
N GLU D 116 -22.15 17.31 9.60
CA GLU D 116 -22.94 18.38 10.20
C GLU D 116 -22.21 19.12 11.31
N LYS D 117 -21.63 18.40 12.26
CA LYS D 117 -21.09 19.08 13.44
C LYS D 117 -19.67 19.63 13.31
N PHE D 118 -18.76 18.83 12.75
CA PHE D 118 -17.37 19.28 12.62
C PHE D 118 -16.92 19.69 11.23
N PHE D 119 -17.82 19.49 10.25
CA PHE D 119 -17.58 19.76 8.84
C PHE D 119 -16.40 18.97 8.28
N VAL D 120 -16.56 17.64 8.32
CA VAL D 120 -15.53 16.65 7.95
C VAL D 120 -16.17 15.46 7.24
N ASP D 121 -15.38 14.77 6.41
CA ASP D 121 -15.86 13.72 5.51
C ASP D 121 -16.45 12.47 6.15
N SER D 122 -15.82 11.97 7.20
CA SER D 122 -16.24 10.75 7.89
C SER D 122 -15.95 9.47 7.09
N LYS D 123 -15.75 9.58 5.77
CA LYS D 123 -15.09 8.46 5.08
C LYS D 123 -13.63 8.52 5.48
N GLU D 124 -13.28 9.68 6.03
CA GLU D 124 -11.95 10.16 6.30
C GLU D 124 -11.68 10.22 7.82
N TYR D 125 -12.55 10.89 8.56
CA TYR D 125 -12.46 10.89 10.02
C TYR D 125 -13.44 9.93 10.70
N ALA D 126 -12.97 9.14 11.66
CA ALA D 126 -13.85 8.23 12.38
C ALA D 126 -14.14 8.77 13.76
N PHE D 127 -15.39 8.69 14.17
CA PHE D 127 -15.75 9.16 15.49
C PHE D 127 -16.04 8.08 16.55
N HIS D 128 -15.88 6.80 16.19
CA HIS D 128 -15.80 5.70 17.18
C HIS D 128 -14.51 5.81 17.99
N GLY D 129 -14.48 5.17 19.16
CA GLY D 129 -13.35 5.30 20.05
C GLY D 129 -12.19 4.34 19.76
N GLY D 130 -11.11 4.49 20.51
CA GLY D 130 -9.91 3.70 20.31
C GLY D 130 -8.62 4.42 19.91
N ALA D 131 -8.71 5.70 19.59
CA ALA D 131 -7.52 6.50 19.29
C ALA D 131 -7.28 7.47 20.42
N VAL D 132 -6.21 7.24 21.17
CA VAL D 132 -5.89 8.11 22.28
C VAL D 132 -4.53 8.75 22.04
N LEU D 133 -4.48 10.07 22.11
CA LEU D 133 -3.23 10.76 22.00
C LEU D 133 -2.31 10.37 23.14
N ILE D 134 -1.00 10.41 22.88
CA ILE D 134 0.01 10.22 23.90
C ILE D 134 0.59 11.59 24.26
N GLN D 135 0.25 12.06 25.44
CA GLN D 135 0.66 13.41 25.89
C GLN D 135 2.08 13.46 26.40
N SER D 136 2.69 14.63 26.32
CA SER D 136 4.04 14.83 26.82
C SER D 136 4.03 15.69 28.07
N GLU D 137 4.81 15.29 29.05
CA GLU D 137 4.89 16.04 30.28
C GLU D 137 5.41 17.44 30.03
N ARG D 138 6.43 17.58 29.21
CA ARG D 138 7.09 18.86 29.08
C ARG D 138 6.45 19.74 27.99
N SER D 139 5.38 19.26 27.38
CA SER D 139 4.82 19.98 26.24
C SER D 139 3.30 20.05 26.28
N ASP D 140 2.74 21.14 25.72
CA ASP D 140 1.28 21.25 25.54
C ASP D 140 0.81 20.36 24.40
N TYR D 141 1.75 19.84 23.62
CA TYR D 141 1.36 19.11 22.43
C TYR D 141 1.82 17.67 22.50
N PRO D 142 0.99 16.76 22.00
CA PRO D 142 1.13 15.31 22.15
C PRO D 142 2.39 14.74 21.47
N TYR D 143 3.00 13.75 22.12
CA TYR D 143 4.10 12.98 21.54
C TYR D 143 3.64 12.26 20.27
N ALA D 144 2.50 11.60 20.37
CA ALA D 144 2.09 10.64 19.38
C ALA D 144 0.62 10.33 19.58
N CYS D 145 0.13 9.31 18.89
CA CYS D 145 -1.22 8.87 19.08
C CYS D 145 -1.22 7.33 19.10
N LEU D 146 -1.92 6.78 20.09
CA LEU D 146 -2.09 5.34 20.21
C LEU D 146 -3.48 4.98 19.71
N THR D 147 -3.57 4.00 18.83
CA THR D 147 -4.85 3.67 18.22
C THR D 147 -5.10 2.18 18.21
N ILE D 148 -6.23 1.77 18.78
CA ILE D 148 -6.58 0.37 18.88
C ILE D 148 -7.83 0.17 18.06
N SER D 149 -7.97 -1.01 17.48
CA SER D 149 -9.13 -1.30 16.65
C SER D 149 -9.49 -2.77 16.70
N GLY D 150 -10.78 -3.06 16.65
CA GLY D 150 -11.27 -4.43 16.61
C GLY D 150 -12.07 -4.93 17.80
N LEU D 151 -12.07 -4.17 18.90
CA LEU D 151 -13.00 -4.45 19.99
C LEU D 151 -14.26 -3.60 19.86
N LYS D 152 -15.10 -3.61 20.88
CA LYS D 152 -16.17 -2.64 20.99
C LYS D 152 -15.49 -1.29 21.21
N GLN D 153 -16.06 -0.24 20.63
CA GLN D 153 -15.38 1.06 20.62
C GLN D 153 -15.01 1.55 22.02
N GLU D 154 -15.85 1.21 23.00
CA GLU D 154 -15.64 1.67 24.37
C GLU D 154 -14.46 0.93 24.95
N GLU D 155 -14.25 -0.29 24.45
CA GLU D 155 -13.13 -1.14 24.85
C GLU D 155 -11.84 -0.73 24.14
N ASP D 156 -11.89 -0.55 22.81
CA ASP D 156 -10.74 -0.01 22.07
C ASP D 156 -10.23 1.24 22.79
N HIS D 157 -11.16 2.08 23.22
CA HIS D 157 -10.81 3.29 23.93
C HIS D 157 -10.31 3.02 25.35
N LEU D 158 -10.99 2.14 26.08
CA LEU D 158 -10.64 1.88 27.47
C LEU D 158 -9.28 1.22 27.54
N MET D 159 -9.12 0.14 26.77
CA MET D 159 -7.85 -0.56 26.66
C MET D 159 -6.74 0.43 26.38
N ALA D 160 -7.00 1.33 25.45
CA ALA D 160 -6.07 2.39 25.12
C ALA D 160 -5.68 3.19 26.34
N VAL D 161 -6.67 3.77 27.03
CA VAL D 161 -6.39 4.70 28.12
C VAL D 161 -5.78 4.00 29.35
N SER D 162 -6.26 2.80 29.60
CA SER D 162 -5.87 2.07 30.79
C SER D 162 -4.40 1.68 30.70
N SER D 163 -4.07 1.00 29.60
CA SER D 163 -2.72 0.47 29.41
C SER D 163 -1.75 1.59 29.13
N LEU D 164 -2.25 2.70 28.62
CA LEU D 164 -1.43 3.87 28.42
C LEU D 164 -1.03 4.46 29.79
N ILE D 165 -2.01 4.57 30.69
CA ILE D 165 -1.79 5.03 32.07
C ILE D 165 -1.04 3.99 32.92
N ALA D 166 -1.37 2.73 32.75
CA ALA D 166 -0.61 1.65 33.38
C ALA D 166 0.87 1.71 33.00
N PHE D 167 1.14 1.80 31.69
CA PHE D 167 2.53 1.87 31.19
C PHE D 167 3.24 3.10 31.73
N ALA D 168 2.54 4.23 31.73
CA ALA D 168 3.11 5.46 32.24
C ALA D 168 3.43 5.29 33.72
N ASN D 169 2.63 4.45 34.39
CA ASN D 169 2.74 4.30 35.83
C ASN D 169 3.87 3.35 36.23
N GLU D 170 4.58 2.77 35.27
CA GLU D 170 5.79 2.06 35.66
C GLU D 170 7.03 2.91 35.40
N SER D 171 7.63 3.36 36.50
CA SER D 171 8.95 3.96 36.48
C SER D 171 9.59 3.86 37.87
N LEU D 172 10.92 3.96 37.90
CA LEU D 172 11.66 3.98 39.15
C LEU D 172 12.07 5.41 39.44
N GLU D 173 12.32 5.80 40.60
N MET E 1 19.06 40.15 19.25
CA MET E 1 20.41 40.36 19.80
C MET E 1 21.28 39.10 19.66
N VAL E 2 21.29 38.52 18.47
CA VAL E 2 22.09 37.33 18.18
C VAL E 2 23.06 37.60 17.01
N VAL E 3 24.07 36.75 16.87
CA VAL E 3 25.15 37.02 15.94
C VAL E 3 25.45 35.82 15.03
N LEU E 4 25.60 36.07 13.74
CA LEU E 4 25.86 35.01 12.79
C LEU E 4 27.34 34.94 12.45
N ASP E 5 27.99 33.78 12.65
CA ASP E 5 29.42 33.75 12.38
C ASP E 5 29.61 33.89 10.88
N LYS E 6 30.27 34.98 10.51
CA LYS E 6 30.45 35.31 9.11
C LYS E 6 31.23 34.19 8.44
N LYS E 7 32.19 33.64 9.18
CA LYS E 7 32.99 32.52 8.68
C LYS E 7 32.08 31.31 8.48
N LEU E 8 31.19 31.07 9.42
CA LEU E 8 30.33 29.89 9.35
C LEU E 8 29.34 30.01 8.20
N LEU E 9 28.73 31.18 8.09
CA LEU E 9 27.79 31.49 7.03
C LEU E 9 28.45 31.21 5.68
N GLU E 10 29.76 31.46 5.64
CA GLU E 10 30.56 31.27 4.43
C GLU E 10 30.89 29.80 4.28
N ARG E 11 31.08 29.11 5.40
CA ARG E 11 31.45 27.70 5.34
C ARG E 11 30.26 26.86 4.86
N LEU E 12 29.06 27.39 5.06
CA LEU E 12 27.82 26.85 4.50
C LEU E 12 27.65 27.12 3.01
N THR E 13 27.77 28.39 2.62
CA THR E 13 27.57 28.83 1.25
C THR E 13 28.45 28.11 0.24
N SER E 14 29.72 27.99 0.53
CA SER E 14 30.52 26.98 -0.14
C SER E 14 30.17 25.75 0.66
N ARG E 15 29.94 24.59 0.05
CA ARG E 15 29.36 23.59 0.94
C ARG E 15 30.50 22.79 1.49
N LYS E 16 31.03 23.34 2.57
CA LYS E 16 32.26 22.82 3.13
C LYS E 16 31.98 22.12 4.44
N THR E 17 30.74 22.23 4.89
CA THR E 17 30.33 21.64 6.17
C THR E 17 29.74 20.27 5.95
N PRO E 18 30.45 19.23 6.39
CA PRO E 18 29.96 17.87 6.19
C PRO E 18 28.64 17.62 6.95
N LEU E 19 27.87 16.66 6.45
CA LEU E 19 26.56 16.33 6.99
C LEU E 19 26.60 16.11 8.50
N GLU E 20 27.59 15.36 8.96
CA GLU E 20 27.62 14.97 10.37
C GLU E 20 27.82 16.19 11.22
N GLU E 21 28.38 17.25 10.63
CA GLU E 21 28.56 18.51 11.34
C GLU E 21 27.27 19.34 11.31
N LEU E 22 26.50 19.22 10.23
CA LEU E 22 25.21 19.87 10.17
C LEU E 22 24.30 19.23 11.22
N GLU E 23 24.35 17.91 11.28
CA GLU E 23 23.58 17.18 12.28
C GLU E 23 24.02 17.53 13.70
N ASP E 24 25.32 17.76 13.85
CA ASP E 24 25.88 18.21 15.12
C ASP E 24 25.12 19.43 15.62
N MET E 25 25.25 20.51 14.84
CA MET E 25 24.55 21.76 15.12
C MET E 25 23.09 21.48 15.39
N GLU E 26 22.44 20.78 14.46
CA GLU E 26 21.00 20.54 14.57
C GLU E 26 20.59 19.81 15.83
N LYS E 27 21.26 18.69 16.10
CA LYS E 27 20.95 17.85 17.29
C LYS E 27 20.96 18.72 18.54
N ARG E 28 21.74 19.78 18.49
CA ARG E 28 21.84 20.71 19.61
C ARG E 28 20.70 21.76 19.61
N CYS E 29 19.75 21.69 18.69
CA CYS E 29 18.64 22.64 18.78
C CYS E 29 17.44 22.00 19.46
N PHE E 30 17.30 22.21 20.76
CA PHE E 30 16.26 21.52 21.51
C PHE E 30 15.89 22.29 22.74
N LEU E 31 14.72 21.99 23.27
CA LEU E 31 14.23 22.68 24.44
C LEU E 31 13.71 21.70 25.51
N SER E 32 13.84 22.09 26.77
CA SER E 32 13.01 21.54 27.83
C SER E 32 11.74 22.36 27.71
N THR E 33 10.58 21.82 28.08
CA THR E 33 9.32 22.59 28.08
C THR E 33 8.93 23.31 26.74
N PHE E 34 8.26 22.63 25.83
CA PHE E 34 7.60 23.35 24.72
C PHE E 34 6.08 23.63 24.93
N THR E 35 5.72 24.90 25.13
CA THR E 35 4.29 25.31 25.29
C THR E 35 3.85 26.34 24.26
N TYR E 36 2.59 26.77 24.35
CA TYR E 36 2.06 27.83 23.47
C TYR E 36 2.90 29.08 23.65
N GLN E 37 3.34 29.31 24.88
CA GLN E 37 3.99 30.54 25.25
C GLN E 37 5.44 30.52 24.81
N ASP E 38 6.04 29.34 24.81
CA ASP E 38 7.41 29.22 24.31
C ASP E 38 7.44 29.48 22.81
N ALA E 39 6.42 28.98 22.13
CA ALA E 39 6.27 29.22 20.69
C ALA E 39 6.23 30.70 20.40
N PHE E 40 5.40 31.42 21.13
CA PHE E 40 5.25 32.85 20.89
C PHE E 40 6.50 33.61 21.29
N ASP E 41 7.14 33.21 22.38
CA ASP E 41 8.39 33.85 22.81
C ASP E 41 9.44 33.62 21.73
N LEU E 42 9.54 32.39 21.27
CA LEU E 42 10.55 32.05 20.27
C LEU E 42 10.31 32.85 18.98
N GLY E 43 9.05 32.95 18.57
CA GLY E 43 8.72 33.67 17.35
C GLY E 43 9.01 35.17 17.44
N THR E 44 8.56 35.79 18.52
CA THR E 44 8.84 37.21 18.73
C THR E 44 10.34 37.41 18.77
N TYR E 45 11.03 36.54 19.51
CA TYR E 45 12.47 36.59 19.64
C TYR E 45 13.21 36.52 18.30
N ILE E 46 12.76 35.66 17.40
CA ILE E 46 13.40 35.53 16.11
C ILE E 46 12.98 36.69 15.22
N ARG E 47 11.77 37.17 15.42
CA ARG E 47 11.29 38.29 14.65
C ARG E 47 12.23 39.46 14.86
N ASN E 48 12.35 39.86 16.13
CA ASN E 48 13.28 40.90 16.54
C ASN E 48 14.70 40.69 16.00
N ALA E 49 15.20 39.47 16.13
CA ALA E 49 16.56 39.13 15.72
C ALA E 49 16.81 39.44 14.25
N VAL E 50 15.97 38.87 13.40
CA VAL E 50 16.05 39.06 11.95
C VAL E 50 15.92 40.54 11.57
N LYS E 51 15.04 41.22 12.27
CA LYS E 51 14.83 42.63 12.00
C LYS E 51 16.08 43.46 12.36
N GLU E 52 16.72 43.14 13.49
CA GLU E 52 17.98 43.78 13.88
C GLU E 52 19.19 43.41 12.98
N ASN E 53 19.24 42.19 12.48
CA ASN E 53 20.34 41.82 11.58
C ASN E 53 20.06 41.96 10.09
N PHE E 54 18.80 42.16 9.71
CA PHE E 54 18.43 42.28 8.29
C PHE E 54 17.30 43.28 8.12
N PRO E 55 17.62 44.57 8.26
CA PRO E 55 16.60 45.59 8.53
C PRO E 55 15.59 45.82 7.40
N GLU E 56 16.04 45.83 6.14
CA GLU E 56 15.15 46.13 5.01
C GLU E 56 14.64 44.88 4.32
N LYS E 57 14.95 43.72 4.90
CA LYS E 57 14.57 42.44 4.31
C LYS E 57 13.27 41.88 4.86
N PRO E 58 12.33 41.57 3.93
CA PRO E 58 11.02 40.95 4.12
C PRO E 58 11.11 39.43 4.37
N VAL E 59 11.23 39.08 5.65
CA VAL E 59 11.35 37.67 6.05
C VAL E 59 10.06 37.09 6.68
N ALA E 60 9.68 35.88 6.29
CA ALA E 60 8.55 35.18 6.96
C ALA E 60 9.03 34.12 7.95
N ILE E 61 8.43 34.12 9.14
CA ILE E 61 8.84 33.25 10.23
C ILE E 61 7.69 32.40 10.75
N ASP E 62 7.86 31.08 10.76
CA ASP E 62 6.78 30.16 11.11
C ASP E 62 7.19 29.13 12.16
N ILE E 63 6.26 28.76 13.02
CA ILE E 63 6.45 27.64 13.93
C ILE E 63 5.22 26.77 13.83
N SER E 64 5.40 25.49 13.51
CA SER E 64 4.25 24.61 13.33
C SER E 64 4.52 23.23 13.90
N LEU E 65 3.46 22.54 14.29
CA LEU E 65 3.56 21.19 14.83
C LEU E 65 3.86 20.22 13.71
N PRO E 66 4.25 18.98 14.02
CA PRO E 66 4.51 18.04 12.93
C PRO E 66 3.25 17.63 12.17
N ASN E 67 2.09 17.83 12.76
CA ASN E 67 0.83 17.56 12.10
C ASN E 67 0.29 18.81 11.35
N GLY E 68 1.07 19.87 11.35
CA GLY E 68 0.79 20.99 10.48
C GLY E 68 0.15 22.17 11.18
N HIS E 69 -0.32 21.95 12.40
CA HIS E 69 -0.97 23.00 13.15
C HIS E 69 -0.01 24.15 13.38
N CYS E 70 -0.42 25.35 12.99
CA CYS E 70 0.47 26.51 13.03
C CYS E 70 0.35 27.30 14.34
N LEU E 71 1.44 27.39 15.08
CA LEU E 71 1.48 28.18 16.32
C LEU E 71 1.84 29.65 16.08
N PHE E 72 2.80 29.89 15.21
CA PHE E 72 3.29 31.23 15.05
C PHE E 72 3.61 31.50 13.59
N ARG E 73 3.14 32.64 13.12
CA ARG E 73 3.52 33.15 11.81
C ARG E 73 3.72 34.64 11.87
N THR E 74 4.81 35.15 11.31
CA THR E 74 4.91 36.58 11.06
C THR E 74 5.81 36.94 9.89
N VAL E 75 5.61 38.17 9.42
CA VAL E 75 6.50 38.77 8.43
C VAL E 75 7.22 39.95 9.08
N THR E 76 8.47 40.16 8.69
CA THR E 76 9.37 41.13 9.34
C THR E 76 9.23 42.52 8.77
N TYR E 77 9.45 42.65 7.47
CA TYR E 77 9.40 43.95 6.82
C TYR E 77 8.24 43.94 5.82
N GLY E 78 8.12 45.01 5.03
CA GLY E 78 6.99 45.17 4.16
C GLY E 78 6.94 44.49 2.80
N GLY E 79 7.99 43.79 2.38
CA GLY E 79 7.95 43.20 1.05
C GLY E 79 7.60 41.73 0.87
N SER E 80 6.90 41.14 1.85
CA SER E 80 6.58 39.71 1.81
C SER E 80 5.41 39.43 0.87
N ALA E 81 5.29 38.20 0.42
CA ALA E 81 4.24 37.86 -0.53
C ALA E 81 3.79 36.41 -0.34
N LEU E 82 2.78 36.00 -1.11
CA LEU E 82 2.22 34.68 -0.94
C LEU E 82 3.28 33.62 -1.20
N ASP E 83 4.31 33.99 -1.95
CA ASP E 83 5.35 33.03 -2.32
C ASP E 83 6.14 32.58 -1.11
N ASN E 84 6.29 33.48 -0.15
CA ASN E 84 6.88 33.13 1.12
C ASN E 84 6.14 31.99 1.81
N ASP E 85 4.81 32.04 1.76
CA ASP E 85 3.93 31.04 2.36
C ASP E 85 4.17 29.67 1.74
N PHE E 86 4.38 29.68 0.42
CA PHE E 86 4.74 28.46 -0.29
C PHE E 86 6.10 27.92 0.12
N TRP E 87 7.07 28.82 0.29
CA TRP E 87 8.41 28.41 0.66
C TRP E 87 8.40 27.78 2.02
N ILE E 88 7.68 28.41 2.95
CA ILE E 88 7.51 27.88 4.30
C ILE E 88 6.87 26.51 4.27
N GLN E 89 5.79 26.36 3.49
CA GLN E 89 5.17 25.04 3.34
C GLN E 89 6.20 24.06 2.86
N ARG E 90 6.80 24.37 1.72
CA ARG E 90 7.71 23.43 1.06
C ARG E 90 8.93 23.09 1.93
N LYS E 91 9.48 24.09 2.62
CA LYS E 91 10.67 23.84 3.41
C LYS E 91 10.30 22.95 4.59
N LYS E 92 9.17 23.27 5.22
CA LYS E 92 8.74 22.61 6.44
C LYS E 92 8.36 21.17 6.15
N LYS E 93 7.77 20.96 4.97
CA LYS E 93 7.30 19.66 4.57
C LYS E 93 8.47 18.69 4.38
N THR E 94 9.62 19.22 3.99
CA THR E 94 10.84 18.42 3.88
C THR E 94 11.45 18.05 5.23
N ALA E 95 11.70 19.07 6.06
CA ALA E 95 12.20 18.86 7.41
C ALA E 95 11.41 17.83 8.17
N LEU E 96 10.10 17.78 8.00
CA LEU E 96 9.30 16.84 8.77
C LEU E 96 9.34 15.42 8.21
N ARG E 97 9.25 15.26 6.89
CA ARG E 97 9.31 13.94 6.26
C ARG E 97 10.67 13.26 6.42
N PHE E 98 11.72 14.07 6.45
CA PHE E 98 13.07 13.55 6.50
C PHE E 98 13.60 13.93 7.86
N GLY E 99 14.61 13.24 8.34
CA GLY E 99 14.99 13.51 9.71
C GLY E 99 15.60 14.88 10.01
N HIS E 100 15.82 15.69 8.98
CA HIS E 100 16.76 16.81 9.14
C HIS E 100 16.29 18.11 8.54
N SER E 101 17.10 19.15 8.71
CA SER E 101 16.74 20.46 8.23
C SER E 101 16.66 20.46 6.72
N SER E 102 15.92 21.43 6.16
CA SER E 102 15.83 21.52 4.70
C SER E 102 17.19 21.87 4.09
N PHE E 103 18.05 22.55 4.84
CA PHE E 103 19.40 22.79 4.35
C PHE E 103 20.25 21.50 4.31
N TYR E 104 20.30 20.79 5.43
CA TYR E 104 20.95 19.48 5.49
C TYR E 104 20.51 18.61 4.33
N MET E 105 19.21 18.60 4.05
CA MET E 105 18.71 17.76 2.98
C MET E 105 19.07 18.31 1.59
N GLY E 106 19.11 19.65 1.48
CA GLY E 106 19.59 20.30 0.28
C GLY E 106 20.99 19.81 -0.07
N CYS E 107 21.86 19.83 0.94
CA CYS E 107 23.22 19.29 0.84
C CYS E 107 23.31 17.82 0.41
N LYS E 108 22.56 16.95 1.08
CA LYS E 108 22.53 15.53 0.72
C LYS E 108 22.09 15.32 -0.75
N LYS E 109 21.40 16.30 -1.31
CA LYS E 109 20.87 16.21 -2.67
C LYS E 109 21.94 16.48 -3.74
N GLY E 110 22.69 17.57 -3.57
CA GLY E 110 23.63 18.02 -4.59
C GLY E 110 22.94 18.45 -5.87
N ASP E 111 23.53 18.10 -7.01
CA ASP E 111 23.02 18.60 -8.29
C ASP E 111 21.90 17.75 -8.89
N LYS E 112 21.55 16.67 -8.18
CA LYS E 112 20.46 15.80 -8.63
C LYS E 112 19.12 16.49 -8.33
N THR E 113 18.11 16.22 -9.15
CA THR E 113 16.79 16.78 -8.87
C THR E 113 16.12 15.99 -7.75
N PRO E 114 15.34 16.69 -6.90
CA PRO E 114 14.60 16.03 -5.82
C PRO E 114 13.81 14.84 -6.34
N GLU E 115 13.16 15.03 -7.48
CA GLU E 115 12.48 13.95 -8.17
C GLU E 115 13.42 12.75 -8.38
N GLU E 116 14.68 13.03 -8.69
CA GLU E 116 15.62 11.96 -9.06
C GLU E 116 16.25 11.23 -7.88
N LYS E 117 16.53 11.95 -6.81
CA LYS E 117 17.20 11.37 -5.67
C LYS E 117 16.19 10.93 -4.63
N PHE E 118 15.43 11.88 -4.11
CA PHE E 118 14.46 11.59 -3.07
C PHE E 118 13.08 11.17 -3.56
N PHE E 119 12.82 11.35 -4.84
CA PHE E 119 11.58 10.89 -5.48
C PHE E 119 10.32 11.60 -5.00
N VAL E 120 10.42 12.92 -4.90
CA VAL E 120 9.33 13.76 -4.46
C VAL E 120 9.11 14.86 -5.51
N ASP E 121 7.91 15.45 -5.52
CA ASP E 121 7.61 16.58 -6.39
C ASP E 121 8.28 17.81 -5.77
N SER E 122 9.13 18.50 -6.54
CA SER E 122 9.84 19.62 -5.95
C SER E 122 8.87 20.78 -5.80
N LYS E 123 7.75 20.73 -6.51
CA LYS E 123 6.71 21.72 -6.31
C LYS E 123 6.13 21.56 -4.90
N GLU E 124 6.12 20.33 -4.41
CA GLU E 124 5.63 20.00 -3.08
C GLU E 124 6.70 20.19 -1.98
N TYR E 125 7.93 19.74 -2.22
CA TYR E 125 9.00 19.82 -1.21
C TYR E 125 10.20 20.72 -1.60
N ALA E 126 10.61 21.61 -0.71
CA ALA E 126 11.80 22.43 -0.94
C ALA E 126 13.08 21.76 -0.47
N PHE E 127 14.15 21.88 -1.24
CA PHE E 127 15.44 21.71 -0.60
C PHE E 127 16.26 22.99 -0.69
N HIS E 128 16.13 23.79 0.35
CA HIS E 128 16.74 25.10 0.51
C HIS E 128 16.75 25.28 1.99
N GLY E 129 17.72 26.01 2.53
CA GLY E 129 17.78 26.14 3.97
C GLY E 129 16.63 26.94 4.52
N GLY E 130 16.50 26.92 5.84
CA GLY E 130 15.51 27.73 6.52
C GLY E 130 14.44 26.98 7.27
N ALA E 131 14.37 25.67 7.13
CA ALA E 131 13.52 24.88 8.01
C ALA E 131 14.39 24.02 8.94
N VAL E 132 14.16 24.18 10.24
CA VAL E 132 14.96 23.54 11.27
C VAL E 132 14.09 22.92 12.37
N LEU E 133 14.22 21.62 12.60
CA LEU E 133 13.40 20.95 13.61
C LEU E 133 13.75 21.37 15.03
N ILE E 134 12.71 21.60 15.81
CA ILE E 134 12.86 21.90 17.22
C ILE E 134 12.84 20.59 17.99
N GLN E 135 14.00 20.20 18.49
CA GLN E 135 14.18 18.88 19.08
C GLN E 135 13.68 18.85 20.52
N SER E 136 13.32 17.65 20.97
CA SER E 136 12.99 17.48 22.36
C SER E 136 14.12 16.75 23.04
N GLU E 137 14.57 17.27 24.17
CA GLU E 137 15.49 16.50 24.95
C GLU E 137 14.68 15.31 25.43
N ARG E 138 15.25 14.13 25.29
CA ARG E 138 14.60 12.91 25.72
C ARG E 138 13.32 12.50 24.98
N SER E 139 13.07 12.97 23.75
CA SER E 139 12.03 12.35 22.93
C SER E 139 12.32 11.60 21.65
N ASP E 140 13.54 11.65 21.10
CA ASP E 140 13.84 11.03 19.77
C ASP E 140 13.11 11.67 18.60
N TYR E 141 12.07 12.45 18.87
CA TYR E 141 11.24 13.03 17.82
C TYR E 141 10.92 14.50 18.13
N PRO E 142 10.89 15.35 17.08
CA PRO E 142 10.84 16.80 17.25
C PRO E 142 9.53 17.30 17.84
N TYR E 143 9.61 18.32 18.69
CA TYR E 143 8.42 19.00 19.19
C TYR E 143 7.63 19.57 18.03
N ALA E 144 8.33 20.35 17.22
CA ALA E 144 7.73 21.12 16.15
C ALA E 144 8.81 21.57 15.16
N CYS E 145 8.40 22.33 14.14
CA CYS E 145 9.34 22.83 13.15
C CYS E 145 9.41 24.34 13.16
N LEU E 146 10.60 24.85 12.84
CA LEU E 146 10.78 26.28 12.71
C LEU E 146 11.20 26.57 11.29
N THR E 147 10.55 27.55 10.66
CA THR E 147 10.87 27.82 9.27
C THR E 147 11.04 29.30 9.07
N ILE E 148 12.10 29.65 8.35
CA ILE E 148 12.40 31.03 7.99
C ILE E 148 12.52 31.10 6.48
N SER E 149 11.95 32.14 5.86
CA SER E 149 12.12 32.30 4.42
C SER E 149 12.30 33.76 4.02
N GLY E 150 13.11 33.97 2.98
CA GLY E 150 13.35 35.30 2.46
C GLY E 150 14.75 35.89 2.62
N LEU E 151 15.57 35.28 3.46
CA LEU E 151 16.97 35.65 3.49
C LEU E 151 17.63 34.80 2.44
N LYS E 152 18.96 34.82 2.41
CA LYS E 152 19.65 33.91 1.51
C LYS E 152 19.60 32.55 2.20
N GLN E 153 19.50 31.48 1.41
CA GLN E 153 19.25 30.14 1.94
C GLN E 153 20.14 29.77 3.14
N GLU E 154 21.42 30.09 3.03
CA GLU E 154 22.37 29.81 4.10
C GLU E 154 22.11 30.72 5.30
N GLU E 155 21.54 31.90 5.06
CA GLU E 155 21.22 32.79 6.16
C GLU E 155 19.93 32.31 6.86
N ASP E 156 18.94 31.91 6.07
CA ASP E 156 17.69 31.35 6.61
C ASP E 156 17.99 30.23 7.62
N HIS E 157 18.74 29.25 7.14
CA HIS E 157 19.20 28.15 7.96
C HIS E 157 19.85 28.62 9.24
N LEU E 158 20.89 29.45 9.12
CA LEU E 158 21.70 29.79 10.28
C LEU E 158 20.96 30.67 11.29
N MET E 159 20.10 31.56 10.81
CA MET E 159 19.29 32.34 11.74
C MET E 159 18.38 31.43 12.57
N ALA E 160 17.79 30.45 11.91
CA ALA E 160 16.97 29.47 12.61
C ALA E 160 17.77 28.70 13.68
N VAL E 161 18.87 28.08 13.25
CA VAL E 161 19.71 27.30 14.13
C VAL E 161 20.32 28.14 15.25
N SER E 162 20.87 29.31 14.88
CA SER E 162 21.43 30.20 15.89
C SER E 162 20.37 30.60 16.90
N SER E 163 19.16 30.89 16.42
CA SER E 163 18.11 31.38 17.30
C SER E 163 17.67 30.30 18.27
N LEU E 164 17.48 29.07 17.80
CA LEU E 164 17.07 28.00 18.70
C LEU E 164 18.08 27.80 19.82
N ILE E 165 19.33 27.61 19.42
CA ILE E 165 20.43 27.41 20.36
C ILE E 165 20.52 28.59 21.34
N ALA E 166 20.49 29.80 20.81
CA ALA E 166 20.51 30.99 21.65
C ALA E 166 19.26 31.12 22.53
N PHE E 167 18.09 30.86 21.95
CA PHE E 167 16.85 30.92 22.72
C PHE E 167 16.92 29.91 23.84
N ALA E 168 17.52 28.76 23.55
CA ALA E 168 17.61 27.64 24.50
C ALA E 168 18.27 28.03 25.83
N ASN E 169 19.12 29.06 25.79
CA ASN E 169 19.81 29.56 26.98
C ASN E 169 18.94 30.58 27.76
N GLU E 170 17.70 30.76 27.31
CA GLU E 170 16.67 31.55 28.02
C GLU E 170 16.39 30.91 29.40
N SER E 171 17.04 29.78 29.66
CA SER E 171 16.94 29.12 30.96
C SER E 171 17.17 30.12 32.13
N LEU E 172 16.22 30.11 33.06
CA LEU E 172 16.22 31.01 34.22
C LEU E 172 16.34 30.16 35.48
N GLU E 173 15.62 30.36 36.46
#